data_5C7L
#
_entry.id   5C7L
#
_cell.length_a   86.888
_cell.length_b   86.888
_cell.length_c   159.606
_cell.angle_alpha   90.000
_cell.angle_beta   90.000
_cell.angle_gamma   120.000
#
_symmetry.space_group_name_H-M   'P 31 2 1'
#
loop_
_entity.id
_entity.type
_entity.pdbx_description
1 polymer 'Glyceraldehyde-3-phosphate dehydrogenase, testis-specific'
2 water water
#
_entity_poly.entity_id   1
_entity_poly.type   'polypeptide(L)'
_entity_poly.pdbx_seq_one_letter_code
;RELTVGINGFGRIGRLVLRACMEKGVKVVAVNDPFIDPEYMVYMFKYDSTHGRYKGSVEFRNGQLVVDNHEISVYQCKEP
KQIPWRAVGSPYVVESTGVYLSIQAASDHISAGAQRVVISAPSPDAPMFVMGVNENDYNPGSMNIVSNAS(OCS)TTNCL
APLAKVIHERFGIVEGLMTTVHSYTATQKTVDGPSRKAWRDGRGAHQNIIPASTGAAKAVTKVIPELKGKLTGMAFRVPT
PDVSVVDLTCRLAQPAPYSAIKEAVKAAAKGPMAGILAYTEDEVVSTDFLGDTHSSIFDAKAGIALNDNFVKLISWYDNE
YGYSHRVVDLLRYMFSRDAE
;
_entity_poly.pdbx_strand_id   O,R
#
# COMPACT_ATOMS: atom_id res chain seq x y z
N ARG A 1 26.03 -22.19 15.26
CA ARG A 1 26.03 -22.88 13.96
C ARG A 1 25.14 -22.14 12.94
N GLU A 2 24.41 -21.12 13.41
CA GLU A 2 23.52 -20.35 12.53
C GLU A 2 23.61 -18.83 12.77
N LEU A 3 23.34 -18.07 11.73
CA LEU A 3 23.34 -16.62 11.84
C LEU A 3 22.31 -16.17 12.88
N THR A 4 22.74 -15.27 13.75
CA THR A 4 21.82 -14.56 14.63
C THR A 4 22.14 -13.07 14.49
N VAL A 5 21.13 -12.24 14.68
CA VAL A 5 21.22 -10.82 14.34
C VAL A 5 20.72 -9.98 15.50
N GLY A 6 21.48 -8.94 15.84
CA GLY A 6 21.00 -7.93 16.78
C GLY A 6 20.77 -6.66 15.98
N ILE A 7 19.76 -5.89 16.33
CA ILE A 7 19.49 -4.64 15.64
C ILE A 7 19.51 -3.46 16.60
N ASN A 8 20.45 -2.55 16.35
CA ASN A 8 20.53 -1.29 17.07
C ASN A 8 19.76 -0.21 16.31
N GLY A 9 18.69 0.28 16.93
CA GLY A 9 17.82 1.28 16.32
C GLY A 9 16.53 0.67 15.83
N PHE A 10 15.37 1.22 16.22
CA PHE A 10 14.09 0.70 15.72
C PHE A 10 13.35 1.79 14.93
N GLY A 11 14.12 2.58 14.20
CA GLY A 11 13.61 3.47 13.17
C GLY A 11 13.19 2.71 11.92
N ARG A 12 12.82 3.45 10.86
CA ARG A 12 12.31 2.80 9.66
C ARG A 12 13.22 1.64 9.20
N ILE A 13 14.55 1.82 9.14
CA ILE A 13 15.39 0.73 8.59
C ILE A 13 15.48 -0.44 9.59
N GLY A 14 15.60 -0.12 10.87
CA GLY A 14 15.53 -1.15 11.92
C GLY A 14 14.26 -2.03 11.85
N ARG A 15 13.08 -1.40 11.79
CA ARG A 15 11.83 -2.16 11.68
C ARG A 15 11.74 -2.96 10.38
N LEU A 16 12.14 -2.38 9.27
CA LEU A 16 12.00 -3.06 7.99
C LEU A 16 13.10 -4.09 7.77
N VAL A 17 14.28 -3.89 8.37
CA VAL A 17 15.26 -4.98 8.37
C VAL A 17 14.68 -6.16 9.18
N LEU A 18 13.97 -5.88 10.27
CA LEU A 18 13.38 -6.97 11.06
C LEU A 18 12.33 -7.72 10.23
N ARG A 19 11.50 -7.01 9.45
CA ARG A 19 10.59 -7.68 8.53
C ARG A 19 11.34 -8.55 7.55
N ALA A 20 12.42 -8.02 6.95
CA ALA A 20 13.15 -8.76 5.94
C ALA A 20 13.73 -10.04 6.55
N CYS A 21 14.19 -9.94 7.80
CA CYS A 21 14.75 -11.11 8.49
C CYS A 21 13.67 -12.15 8.64
N MET A 22 12.47 -11.77 9.10
CA MET A 22 11.42 -12.78 9.24
C MET A 22 11.07 -13.43 7.90
N GLU A 23 10.97 -12.63 6.83
CA GLU A 23 10.65 -13.15 5.49
C GLU A 23 11.68 -14.14 4.98
N LYS A 24 12.96 -13.91 5.29
CA LYS A 24 14.05 -14.72 4.75
C LYS A 24 14.53 -15.76 5.75
N GLY A 25 13.92 -15.79 6.91
CA GLY A 25 14.14 -16.88 7.85
C GLY A 25 15.41 -16.70 8.66
N VAL A 26 15.78 -15.44 8.89
CA VAL A 26 16.97 -15.11 9.64
C VAL A 26 16.56 -14.77 11.09
N LYS A 27 17.18 -15.48 12.03
CA LYS A 27 16.89 -15.30 13.45
C LYS A 27 17.44 -14.01 14.07
N VAL A 28 16.52 -13.23 14.62
CA VAL A 28 16.86 -11.99 15.28
C VAL A 28 16.76 -12.25 16.75
N VAL A 29 17.81 -11.91 17.50
CA VAL A 29 17.81 -12.25 18.92
C VAL A 29 17.71 -11.05 19.86
N ALA A 30 17.91 -9.84 19.35
CA ALA A 30 17.68 -8.65 20.16
C ALA A 30 17.53 -7.39 19.33
N VAL A 31 16.83 -6.44 19.93
CA VAL A 31 16.71 -5.09 19.41
C VAL A 31 17.07 -4.10 20.51
N ASN A 32 17.93 -3.13 20.19
CA ASN A 32 18.18 -2.05 21.12
C ASN A 32 17.58 -0.72 20.64
N ASP A 33 16.91 -0.03 21.55
CA ASP A 33 16.46 1.34 21.30
C ASP A 33 16.14 2.01 22.64
N PRO A 34 16.88 3.07 22.99
CA PRO A 34 16.69 3.66 24.32
C PRO A 34 15.31 4.27 24.55
N PHE A 35 14.61 4.65 23.48
CA PHE A 35 13.41 5.48 23.63
C PHE A 35 12.09 4.73 23.46
N ILE A 36 12.15 3.54 22.88
CA ILE A 36 10.96 2.79 22.49
C ILE A 36 10.89 1.51 23.31
N ASP A 37 9.91 1.42 24.21
CA ASP A 37 9.72 0.21 25.02
C ASP A 37 9.02 -0.92 24.22
N PRO A 38 9.07 -2.16 24.72
CA PRO A 38 8.50 -3.32 24.03
C PRO A 38 7.06 -3.18 23.57
N GLU A 39 6.19 -2.62 24.40
CA GLU A 39 4.81 -2.49 24.00
C GLU A 39 4.70 -1.50 22.81
N TYR A 40 5.48 -0.43 22.83
CA TYR A 40 5.43 0.53 21.74
C TYR A 40 6.11 -0.05 20.50
N MET A 41 7.13 -0.90 20.69
CA MET A 41 7.76 -1.60 19.57
C MET A 41 6.76 -2.48 18.85
N VAL A 42 5.93 -3.20 19.60
CA VAL A 42 4.89 -4.04 18.99
C VAL A 42 4.03 -3.21 18.02
N TYR A 43 3.55 -2.07 18.50
CA TYR A 43 2.70 -1.17 17.72
C TYR A 43 3.44 -0.64 16.46
N MET A 44 4.65 -0.11 16.64
CA MET A 44 5.41 0.46 15.50
C MET A 44 5.72 -0.60 14.46
N PHE A 45 6.02 -1.81 14.92
CA PHE A 45 6.31 -2.93 14.02
C PHE A 45 5.07 -3.47 13.33
N LYS A 46 3.95 -3.57 14.05
CA LYS A 46 2.75 -4.20 13.53
CA LYS A 46 2.75 -4.20 13.53
C LYS A 46 2.07 -3.39 12.45
N TYR A 47 1.99 -2.07 12.68
CA TYR A 47 1.33 -1.17 11.72
C TYR A 47 2.34 -0.30 11.02
N ASP A 48 2.24 -0.27 9.68
CA ASP A 48 3.10 0.54 8.86
C ASP A 48 2.25 1.27 7.80
N SER A 49 2.36 2.59 7.76
CA SER A 49 1.57 3.35 6.77
C SER A 49 1.97 3.05 5.35
N THR A 50 3.25 2.76 5.13
CA THR A 50 3.71 2.51 3.78
C THR A 50 3.57 1.06 3.35
N HIS A 51 3.95 0.13 4.23
CA HIS A 51 4.06 -1.28 3.83
C HIS A 51 3.00 -2.20 4.43
N GLY A 52 2.02 -1.60 5.11
CA GLY A 52 0.87 -2.34 5.60
C GLY A 52 1.12 -3.08 6.89
N ARG A 53 0.06 -3.72 7.39
CA ARG A 53 0.12 -4.50 8.62
C ARG A 53 1.08 -5.68 8.49
N TYR A 54 1.83 -5.96 9.55
CA TYR A 54 2.73 -7.12 9.51
C TYR A 54 1.89 -8.34 9.27
N LYS A 55 2.30 -9.12 8.30
CA LYS A 55 1.57 -10.32 7.89
C LYS A 55 2.03 -11.49 8.75
N GLY A 56 1.48 -11.59 9.95
CA GLY A 56 1.97 -12.49 10.98
C GLY A 56 1.49 -11.98 12.32
N SER A 57 2.09 -12.49 13.39
CA SER A 57 1.68 -12.16 14.73
C SER A 57 2.75 -11.34 15.45
N VAL A 58 2.29 -10.31 16.15
CA VAL A 58 3.18 -9.48 16.94
C VAL A 58 2.57 -9.23 18.30
N GLU A 59 3.33 -9.58 19.34
CA GLU A 59 2.93 -9.38 20.74
C GLU A 59 4.13 -8.96 21.57
N PHE A 60 3.86 -8.49 22.79
CA PHE A 60 4.93 -8.44 23.80
C PHE A 60 4.56 -9.28 25.04
N ARG A 61 5.58 -9.90 25.63
CA ARG A 61 5.43 -10.52 26.95
C ARG A 61 6.81 -10.77 27.57
N ASN A 62 6.86 -10.63 28.89
CA ASN A 62 8.07 -10.91 29.66
C ASN A 62 9.20 -9.96 29.24
N GLY A 63 8.81 -8.72 28.93
CA GLY A 63 9.78 -7.71 28.53
C GLY A 63 10.44 -8.05 27.21
N GLN A 64 9.77 -8.89 26.41
CA GLN A 64 10.28 -9.29 25.10
C GLN A 64 9.32 -8.92 23.99
N LEU A 65 9.87 -8.69 22.81
CA LEU A 65 9.10 -8.54 21.60
C LEU A 65 8.95 -9.93 20.99
N VAL A 66 7.72 -10.33 20.64
CA VAL A 66 7.49 -11.68 20.11
C VAL A 66 6.83 -11.61 18.77
N VAL A 67 7.59 -11.98 17.74
CA VAL A 67 7.13 -11.91 16.36
C VAL A 67 7.04 -13.32 15.78
N ASP A 68 5.87 -13.69 15.26
CA ASP A 68 5.56 -15.06 14.82
C ASP A 68 6.09 -16.12 15.82
N ASN A 69 5.86 -15.83 17.10
CA ASN A 69 6.21 -16.67 18.23
C ASN A 69 7.70 -16.86 18.46
N HIS A 70 8.51 -16.10 17.74
CA HIS A 70 9.93 -16.02 18.01
CA HIS A 70 9.92 -16.04 18.03
C HIS A 70 10.16 -14.90 19.03
N GLU A 71 10.80 -15.22 20.13
CA GLU A 71 11.01 -14.24 21.19
C GLU A 71 12.29 -13.44 20.94
N ILE A 72 12.19 -12.12 21.13
CA ILE A 72 13.28 -11.20 20.81
C ILE A 72 13.56 -10.30 22.00
N SER A 73 14.78 -10.35 22.54
CA SER A 73 15.12 -9.53 23.69
C SER A 73 15.14 -8.05 23.34
N VAL A 74 14.70 -7.23 24.27
CA VAL A 74 14.67 -5.78 24.06
C VAL A 74 15.54 -5.04 25.07
N TYR A 75 16.54 -4.32 24.57
CA TYR A 75 17.39 -3.47 25.42
C TYR A 75 17.10 -2.00 25.18
N GLN A 76 17.47 -1.17 26.15
CA GLN A 76 17.11 0.23 26.17
C GLN A 76 18.34 1.10 26.40
N CYS A 77 19.47 0.69 25.81
CA CYS A 77 20.73 1.37 26.06
C CYS A 77 20.95 2.55 25.14
N LYS A 78 21.45 3.64 25.72
CA LYS A 78 21.68 4.82 24.92
C LYS A 78 22.97 4.70 24.12
N GLU A 79 23.89 3.84 24.55
CA GLU A 79 25.18 3.70 23.85
C GLU A 79 25.49 2.25 23.44
N PRO A 80 26.06 2.07 22.21
CA PRO A 80 26.46 0.74 21.72
C PRO A 80 27.31 -0.06 22.71
N LYS A 81 28.31 0.60 23.29
CA LYS A 81 29.24 -0.03 24.25
C LYS A 81 28.51 -0.71 25.42
N GLN A 82 27.28 -0.26 25.69
CA GLN A 82 26.47 -0.72 26.82
C GLN A 82 25.57 -1.89 26.50
N ILE A 83 25.23 -2.09 25.22
CA ILE A 83 24.32 -3.16 24.83
C ILE A 83 24.97 -4.52 25.12
N PRO A 84 24.29 -5.39 25.90
CA PRO A 84 24.87 -6.70 26.23
C PRO A 84 24.76 -7.72 25.08
N TRP A 85 25.40 -7.43 23.97
CA TRP A 85 25.39 -8.36 22.85
C TRP A 85 25.85 -9.77 23.29
N ARG A 86 26.80 -9.85 24.23
CA ARG A 86 27.29 -11.15 24.73
C ARG A 86 26.17 -12.01 25.32
N ALA A 87 25.26 -11.36 26.04
CA ALA A 87 24.17 -12.04 26.73
C ALA A 87 23.19 -12.70 25.77
N VAL A 88 23.23 -12.31 24.51
CA VAL A 88 22.33 -12.88 23.52
C VAL A 88 23.10 -13.60 22.44
N GLY A 89 24.33 -14.02 22.78
CA GLY A 89 25.07 -14.93 21.95
C GLY A 89 25.97 -14.32 20.89
N SER A 90 26.33 -13.06 21.07
CA SER A 90 27.28 -12.41 20.18
C SER A 90 26.85 -12.51 18.71
N PRO A 91 25.67 -11.98 18.38
CA PRO A 91 25.22 -11.98 17.00
C PRO A 91 25.96 -10.98 16.11
N TYR A 92 25.71 -11.08 14.82
CA TYR A 92 25.98 -10.00 13.87
C TYR A 92 25.05 -8.83 14.21
N VAL A 93 25.57 -7.60 14.15
CA VAL A 93 24.77 -6.44 14.58
C VAL A 93 24.58 -5.53 13.38
N VAL A 94 23.33 -5.14 13.18
CA VAL A 94 22.99 -4.07 12.22
C VAL A 94 22.96 -2.77 12.98
N GLU A 95 23.88 -1.88 12.63
CA GLU A 95 23.93 -0.57 13.21
C GLU A 95 23.04 0.37 12.36
N SER A 96 21.80 0.61 12.80
CA SER A 96 20.81 1.36 11.97
C SER A 96 20.39 2.76 12.45
N THR A 97 21.08 3.32 13.44
CA THR A 97 20.67 4.60 14.01
C THR A 97 21.20 5.80 13.24
N GLY A 98 22.13 5.54 12.31
CA GLY A 98 22.73 6.60 11.51
C GLY A 98 23.66 7.57 12.24
N VAL A 99 23.98 7.29 13.50
CA VAL A 99 24.93 8.16 14.21
C VAL A 99 26.19 7.45 14.73
N TYR A 100 26.40 6.20 14.29
CA TYR A 100 27.67 5.49 14.51
C TYR A 100 28.24 4.96 13.19
N LEU A 101 28.81 5.85 12.38
CA LEU A 101 29.11 5.49 10.99
C LEU A 101 30.57 5.16 10.67
N SER A 102 31.48 5.61 11.52
CA SER A 102 32.90 5.34 11.36
C SER A 102 33.23 3.98 11.96
N ILE A 103 34.35 3.41 11.54
CA ILE A 103 34.82 2.16 12.11
C ILE A 103 34.97 2.38 13.64
N GLN A 104 35.56 3.49 14.04
CA GLN A 104 35.77 3.79 15.46
C GLN A 104 34.46 3.78 16.27
N ALA A 105 33.44 4.45 15.76
CA ALA A 105 32.16 4.53 16.46
C ALA A 105 31.48 3.18 16.50
N ALA A 106 31.47 2.48 15.36
CA ALA A 106 30.75 1.21 15.27
C ALA A 106 31.49 0.10 16.00
N SER A 107 32.78 0.28 16.25
CA SER A 107 33.56 -0.77 16.92
C SER A 107 33.17 -0.91 18.40
N ASP A 108 32.48 0.07 18.96
CA ASP A 108 31.92 -0.11 20.29
C ASP A 108 30.96 -1.31 20.39
N HIS A 109 30.27 -1.64 19.29
CA HIS A 109 29.46 -2.87 19.24
C HIS A 109 30.35 -4.10 19.36
N ILE A 110 31.51 -4.06 18.71
CA ILE A 110 32.43 -5.20 18.75
C ILE A 110 32.91 -5.38 20.18
N SER A 111 33.26 -4.26 20.82
CA SER A 111 33.76 -4.28 22.18
CA SER A 111 33.76 -4.28 22.18
C SER A 111 32.67 -4.70 23.15
N ALA A 112 31.42 -4.52 22.74
CA ALA A 112 30.27 -5.02 23.51
C ALA A 112 29.89 -6.48 23.18
N GLY A 113 30.59 -7.10 22.23
CA GLY A 113 30.43 -8.54 22.02
C GLY A 113 29.83 -8.93 20.69
N ALA A 114 29.53 -7.96 19.83
CA ALA A 114 29.09 -8.27 18.47
C ALA A 114 30.18 -9.01 17.70
N GLN A 115 29.80 -10.04 16.97
CA GLN A 115 30.72 -10.77 16.10
C GLN A 115 31.16 -9.90 14.93
N ARG A 116 30.19 -9.23 14.30
CA ARG A 116 30.43 -8.34 13.15
C ARG A 116 29.42 -7.19 13.19
N VAL A 117 29.69 -6.13 12.44
CA VAL A 117 28.77 -5.02 12.34
C VAL A 117 28.52 -4.69 10.87
N VAL A 118 27.23 -4.56 10.52
CA VAL A 118 26.83 -3.93 9.26
C VAL A 118 26.19 -2.57 9.52
N ILE A 119 26.86 -1.52 9.06
CA ILE A 119 26.31 -0.17 9.18
C ILE A 119 25.32 0.02 8.00
N SER A 120 24.04 0.24 8.31
CA SER A 120 23.01 0.36 7.27
C SER A 120 22.97 1.79 6.69
N ALA A 121 24.12 2.25 6.22
CA ALA A 121 24.30 3.63 5.78
C ALA A 121 25.72 3.77 5.27
N PRO A 122 25.98 4.80 4.45
CA PRO A 122 27.39 5.05 4.06
C PRO A 122 28.30 5.30 5.27
N SER A 123 29.53 4.79 5.18
CA SER A 123 30.56 5.05 6.16
C SER A 123 31.72 5.89 5.61
N PRO A 124 32.22 6.85 6.41
CA PRO A 124 33.41 7.55 5.89
C PRO A 124 34.62 6.63 5.66
N ASP A 125 34.80 5.59 6.47
CA ASP A 125 36.00 4.73 6.31
C ASP A 125 35.75 3.22 6.23
N ALA A 126 34.62 2.70 6.73
CA ALA A 126 34.39 1.25 6.69
C ALA A 126 34.23 0.75 5.28
N PRO A 127 34.66 -0.49 5.03
CA PRO A 127 34.53 -1.06 3.67
C PRO A 127 33.06 -1.15 3.25
N MET A 128 32.80 -0.78 2.01
CA MET A 128 31.43 -0.62 1.50
C MET A 128 31.08 -1.66 0.46
N PHE A 129 29.90 -2.26 0.62
CA PHE A 129 29.46 -3.39 -0.23
C PHE A 129 28.08 -3.20 -0.84
N VAL A 130 27.97 -3.47 -2.14
CA VAL A 130 26.69 -3.59 -2.82
C VAL A 130 26.52 -5.00 -3.36
N MET A 131 25.55 -5.73 -2.81
CA MET A 131 25.25 -7.08 -3.27
C MET A 131 25.05 -7.06 -4.78
N GLY A 132 25.62 -8.05 -5.48
CA GLY A 132 25.59 -8.06 -6.93
C GLY A 132 26.72 -7.31 -7.62
N VAL A 133 27.43 -6.44 -6.88
CA VAL A 133 28.49 -5.63 -7.47
C VAL A 133 29.88 -6.03 -6.94
N ASN A 134 30.07 -6.09 -5.63
CA ASN A 134 31.39 -6.32 -5.05
C ASN A 134 31.46 -7.10 -3.75
N GLU A 135 30.46 -7.94 -3.45
CA GLU A 135 30.40 -8.59 -2.13
C GLU A 135 31.54 -9.61 -2.01
N ASN A 136 31.94 -10.11 -3.16
CA ASN A 136 33.11 -10.98 -3.31
C ASN A 136 34.42 -10.39 -2.72
N ASP A 137 34.46 -9.07 -2.45
CA ASP A 137 35.63 -8.42 -1.84
C ASP A 137 35.60 -8.38 -0.32
N TYR A 138 34.53 -8.91 0.27
CA TYR A 138 34.44 -9.03 1.72
C TYR A 138 35.42 -10.12 2.16
N ASN A 139 36.09 -9.90 3.29
CA ASN A 139 37.05 -10.87 3.80
C ASN A 139 36.92 -10.94 5.31
N PRO A 140 36.43 -12.07 5.83
CA PRO A 140 36.22 -12.17 7.27
C PRO A 140 37.50 -11.97 8.05
N GLY A 141 38.63 -12.31 7.44
CA GLY A 141 39.90 -12.22 8.15
C GLY A 141 40.32 -10.80 8.52
N SER A 142 39.94 -9.82 7.71
CA SER A 142 40.36 -8.44 7.93
C SER A 142 39.22 -7.47 8.26
N MET A 143 37.97 -7.94 8.17
CA MET A 143 36.81 -7.04 8.19
C MET A 143 35.74 -7.46 9.21
N ASN A 144 35.65 -6.69 10.29
CA ASN A 144 34.60 -6.98 11.27
CA ASN A 144 34.71 -6.84 11.39
C ASN A 144 33.50 -5.91 11.24
N ILE A 145 33.75 -4.79 10.55
CA ILE A 145 32.79 -3.70 10.44
C ILE A 145 32.69 -3.27 8.99
N VAL A 146 31.47 -3.32 8.45
CA VAL A 146 31.23 -3.02 7.03
C VAL A 146 30.03 -2.09 6.86
N SER A 147 29.95 -1.45 5.70
CA SER A 147 28.80 -0.61 5.32
C SER A 147 28.10 -1.20 4.11
N ASN A 148 26.77 -1.16 4.14
CA ASN A 148 25.97 -1.61 3.03
C ASN A 148 25.64 -0.46 2.08
N ALA A 149 26.40 0.65 2.20
CA ALA A 149 26.20 1.84 1.35
C ALA A 149 24.81 2.46 1.61
N SER A 150 24.26 3.19 0.62
CA SER A 150 22.92 3.76 0.71
C SER A 150 21.92 3.06 -0.22
N THR A 152 20.30 4.53 -2.52
CA THR A 152 20.53 5.09 -3.87
C THR A 152 21.77 4.45 -4.51
N THR A 153 22.80 4.20 -3.71
CA THR A 153 24.03 3.58 -4.24
C THR A 153 23.70 2.18 -4.69
N ASN A 154 22.85 1.49 -3.94
CA ASN A 154 22.42 0.16 -4.30
C ASN A 154 21.52 0.11 -5.57
N CYS A 155 20.84 1.21 -5.87
CA CYS A 155 20.09 1.28 -7.17
C CYS A 155 21.09 1.56 -8.32
N LEU A 156 21.94 2.56 -8.21
CA LEU A 156 22.82 2.91 -9.35
C LEU A 156 23.95 1.90 -9.59
N ALA A 157 24.57 1.36 -8.54
CA ALA A 157 25.81 0.56 -8.76
C ALA A 157 25.59 -0.66 -9.65
N PRO A 158 24.49 -1.40 -9.44
CA PRO A 158 24.27 -2.57 -10.27
C PRO A 158 24.04 -2.20 -11.73
N LEU A 159 23.31 -1.12 -11.97
CA LEU A 159 23.12 -0.63 -13.33
C LEU A 159 24.46 -0.14 -13.94
N ALA A 160 25.23 0.62 -13.15
CA ALA A 160 26.52 1.16 -13.65
C ALA A 160 27.49 0.05 -14.05
N LYS A 161 27.49 -1.01 -13.27
CA LYS A 161 28.37 -2.15 -13.54
C LYS A 161 28.03 -2.80 -14.86
N VAL A 162 26.75 -3.08 -15.07
CA VAL A 162 26.30 -3.74 -16.29
C VAL A 162 26.67 -2.91 -17.50
N ILE A 163 26.45 -1.60 -17.39
CA ILE A 163 26.65 -0.66 -18.48
C ILE A 163 28.15 -0.36 -18.75
N HIS A 164 28.91 -0.20 -17.68
CA HIS A 164 30.34 -0.02 -17.82
C HIS A 164 30.98 -1.24 -18.47
N GLU A 165 30.62 -2.43 -18.00
CA GLU A 165 31.24 -3.66 -18.48
C GLU A 165 30.87 -3.98 -19.92
N ARG A 166 29.65 -3.64 -20.30
CA ARG A 166 29.20 -3.87 -21.67
C ARG A 166 29.71 -2.80 -22.64
N PHE A 167 29.68 -1.53 -22.22
CA PHE A 167 29.91 -0.41 -23.15
C PHE A 167 31.01 0.51 -22.73
N GLY A 168 31.38 0.48 -21.46
CA GLY A 168 32.28 1.46 -20.90
C GLY A 168 31.63 2.82 -20.67
N ILE A 169 31.61 3.23 -19.41
CA ILE A 169 31.16 4.58 -19.11
C ILE A 169 32.33 5.56 -19.15
N VAL A 170 32.20 6.59 -19.98
CA VAL A 170 33.16 7.70 -20.01
C VAL A 170 32.91 8.70 -18.91
N GLU A 171 31.67 9.18 -18.82
CA GLU A 171 31.31 10.05 -17.72
C GLU A 171 29.80 9.97 -17.52
N GLY A 172 29.34 10.27 -16.31
CA GLY A 172 27.91 10.18 -15.99
C GLY A 172 27.54 11.12 -14.87
N LEU A 173 26.35 11.72 -14.98
CA LEU A 173 25.79 12.51 -13.91
C LEU A 173 24.41 11.96 -13.55
N MET A 174 24.15 11.87 -12.26
CA MET A 174 22.93 11.24 -11.76
C MET A 174 22.05 12.24 -11.05
N THR A 175 20.73 12.13 -11.29
CA THR A 175 19.75 12.72 -10.40
C THR A 175 18.94 11.61 -9.80
N THR A 176 18.64 11.70 -8.50
CA THR A 176 17.62 10.81 -7.97
C THR A 176 16.42 11.66 -7.56
N VAL A 177 15.26 11.17 -7.98
CA VAL A 177 14.01 11.80 -7.68
C VAL A 177 13.49 10.93 -6.56
N HIS A 178 13.47 11.50 -5.35
CA HIS A 178 13.50 10.67 -4.17
C HIS A 178 12.39 11.03 -3.18
N SER A 179 11.74 10.01 -2.66
CA SER A 179 10.67 10.19 -1.65
C SER A 179 11.23 10.89 -0.44
N TYR A 180 10.37 11.55 0.35
CA TYR A 180 10.87 12.24 1.49
C TYR A 180 11.11 11.18 2.54
N THR A 181 11.82 11.54 3.59
CA THR A 181 12.26 10.63 4.66
C THR A 181 12.10 11.30 6.03
N ALA A 182 12.49 10.56 7.05
CA ALA A 182 12.30 10.96 8.42
C ALA A 182 13.17 12.11 8.84
N THR A 183 14.21 12.43 8.06
CA THR A 183 15.08 13.55 8.38
C THR A 183 14.44 14.87 7.99
N GLN A 184 13.35 14.79 7.22
CA GLN A 184 12.66 16.00 6.75
C GLN A 184 11.57 16.48 7.73
N LYS A 185 10.91 17.59 7.37
CA LYS A 185 9.95 18.27 8.25
C LYS A 185 8.57 18.32 7.62
N THR A 186 7.52 18.20 8.44
CA THR A 186 6.18 18.31 7.92
C THR A 186 5.84 19.74 7.44
N VAL A 187 6.35 20.76 8.14
CA VAL A 187 6.15 22.17 7.80
C VAL A 187 7.52 22.83 7.96
N ASP A 188 7.71 23.98 7.35
CA ASP A 188 9.02 24.70 7.47
C ASP A 188 9.49 24.76 8.92
N GLY A 189 10.57 24.04 9.16
CA GLY A 189 11.16 23.98 10.48
C GLY A 189 12.69 23.99 10.39
N PRO A 190 13.32 23.71 11.54
CA PRO A 190 14.77 23.93 11.67
C PRO A 190 15.62 22.86 11.03
N SER A 191 16.71 23.28 10.40
CA SER A 191 17.62 22.33 9.73
C SER A 191 18.88 23.10 9.45
N ARG A 192 19.60 23.42 10.53
CA ARG A 192 20.63 24.46 10.50
C ARG A 192 21.79 24.04 9.58
N LYS A 193 21.98 22.74 9.44
CA LYS A 193 23.04 22.20 8.56
C LYS A 193 22.73 22.13 7.05
N ALA A 194 21.45 22.14 6.70
CA ALA A 194 21.02 22.05 5.30
C ALA A 194 19.68 22.75 5.19
N TRP A 195 19.70 24.03 4.91
CA TRP A 195 18.52 24.84 5.07
C TRP A 195 17.31 24.35 4.25
N ARG A 196 17.57 23.81 3.06
CA ARG A 196 16.47 23.37 2.21
C ARG A 196 15.73 22.21 2.84
N ASP A 197 16.49 21.38 3.53
CA ASP A 197 15.90 20.20 4.11
C ASP A 197 14.93 20.50 5.24
N GLY A 198 14.95 21.70 5.78
CA GLY A 198 13.94 22.02 6.76
C GLY A 198 12.59 22.46 6.18
N ARG A 199 12.55 22.72 4.89
CA ARG A 199 11.33 23.23 4.27
C ARG A 199 10.32 22.07 4.11
N GLY A 200 9.03 22.40 4.21
CA GLY A 200 7.97 21.40 4.33
C GLY A 200 8.04 20.31 3.26
N ALA A 201 8.19 19.06 3.67
CA ALA A 201 8.45 17.99 2.72
C ALA A 201 7.34 17.71 1.73
N HIS A 202 6.09 17.95 2.11
CA HIS A 202 4.88 17.55 1.37
CA HIS A 202 4.98 17.52 1.28
C HIS A 202 4.51 18.62 0.39
N GLN A 203 5.01 19.82 0.67
CA GLN A 203 4.68 21.02 -0.13
C GLN A 203 5.69 21.24 -1.26
N ASN A 204 6.88 20.71 -1.09
CA ASN A 204 8.01 21.10 -1.93
C ASN A 204 8.73 20.02 -2.72
N ILE A 205 9.24 20.47 -3.86
CA ILE A 205 10.36 19.83 -4.53
C ILE A 205 11.63 20.46 -3.99
N ILE A 206 12.47 19.65 -3.32
CA ILE A 206 13.64 20.13 -2.58
C ILE A 206 14.97 19.58 -3.16
N PRO A 207 15.78 20.44 -3.79
CA PRO A 207 17.14 19.96 -4.14
C PRO A 207 17.98 19.54 -2.93
N ALA A 208 18.75 18.48 -3.05
CA ALA A 208 19.62 18.03 -1.95
C ALA A 208 20.91 17.44 -2.49
N SER A 209 21.97 17.54 -1.70
CA SER A 209 23.24 16.87 -2.02
C SER A 209 23.10 15.42 -1.66
N THR A 210 23.85 14.59 -2.37
CA THR A 210 23.96 13.17 -2.08
C THR A 210 25.33 12.68 -2.58
N GLY A 211 25.96 11.81 -1.82
CA GLY A 211 27.22 11.23 -2.24
C GLY A 211 27.05 9.86 -2.87
N ALA A 212 25.80 9.48 -3.17
CA ALA A 212 25.52 8.14 -3.64
C ALA A 212 26.23 7.83 -4.98
N ALA A 213 26.32 8.78 -5.89
CA ALA A 213 26.92 8.49 -7.17
C ALA A 213 28.43 8.28 -7.02
N LYS A 214 29.05 9.14 -6.21
CA LYS A 214 30.48 9.03 -5.96
C LYS A 214 30.77 7.73 -5.23
N ALA A 215 29.86 7.32 -4.35
CA ALA A 215 30.02 6.05 -3.64
C ALA A 215 30.09 4.86 -4.61
N VAL A 216 29.43 4.99 -5.75
CA VAL A 216 29.46 3.90 -6.70
C VAL A 216 30.94 3.74 -7.20
N THR A 217 31.69 4.84 -7.26
CA THR A 217 33.08 4.76 -7.75
C THR A 217 33.99 4.14 -6.67
N LYS A 218 33.51 4.03 -5.44
CA LYS A 218 34.23 3.29 -4.39
C LYS A 218 34.09 1.79 -4.55
N VAL A 219 32.91 1.31 -4.93
CA VAL A 219 32.69 -0.14 -5.05
C VAL A 219 33.01 -0.64 -6.45
N ILE A 220 33.11 0.29 -7.41
CA ILE A 220 33.52 0.01 -8.78
C ILE A 220 34.67 0.99 -9.10
N PRO A 221 35.87 0.65 -8.63
CA PRO A 221 37.10 1.47 -8.70
C PRO A 221 37.40 2.04 -10.08
N GLU A 222 37.17 1.26 -11.12
CA GLU A 222 37.50 1.71 -12.46
C GLU A 222 36.67 2.95 -12.85
N LEU A 223 35.63 3.26 -12.07
CA LEU A 223 34.82 4.46 -12.33
C LEU A 223 35.24 5.67 -11.52
N LYS A 224 36.33 5.53 -10.76
CA LYS A 224 36.90 6.69 -10.03
C LYS A 224 36.96 7.95 -10.90
N GLY A 225 36.43 9.04 -10.39
CA GLY A 225 36.33 10.31 -11.09
C GLY A 225 35.33 10.44 -12.23
N LYS A 226 34.54 9.41 -12.51
CA LYS A 226 33.64 9.40 -13.69
C LYS A 226 32.14 9.62 -13.38
N LEU A 227 31.80 9.74 -12.11
CA LEU A 227 30.42 9.85 -11.67
C LEU A 227 30.23 10.75 -10.48
N THR A 228 29.29 11.69 -10.57
CA THR A 228 28.72 12.30 -9.36
C THR A 228 27.23 12.56 -9.60
N GLY A 229 26.57 13.20 -8.66
CA GLY A 229 25.12 13.39 -8.76
C GLY A 229 24.52 14.29 -7.69
N MET A 230 23.19 14.35 -7.70
CA MET A 230 22.43 15.14 -6.73
C MET A 230 21.01 14.55 -6.68
N ALA A 231 20.18 15.14 -5.83
CA ALA A 231 18.84 14.61 -5.52
C ALA A 231 17.78 15.70 -5.56
N PHE A 232 16.53 15.29 -5.85
CA PHE A 232 15.38 16.12 -5.56
C PHE A 232 14.49 15.30 -4.64
N ARG A 233 14.14 15.88 -3.50
CA ARG A 233 13.17 15.24 -2.60
C ARG A 233 11.78 15.74 -3.01
N VAL A 234 10.84 14.81 -3.24
CA VAL A 234 9.54 15.18 -3.75
C VAL A 234 8.45 14.57 -2.83
N PRO A 235 7.22 15.06 -2.97
CA PRO A 235 6.19 14.68 -1.98
C PRO A 235 5.58 13.27 -2.17
N THR A 236 6.43 12.25 -2.06
CA THR A 236 5.95 10.86 -1.95
C THR A 236 6.64 10.22 -0.76
N PRO A 237 5.96 9.24 -0.12
CA PRO A 237 6.48 8.71 1.15
C PRO A 237 7.41 7.55 1.00
N ASP A 238 7.45 6.94 -0.18
CA ASP A 238 8.40 5.86 -0.47
C ASP A 238 8.42 5.56 -1.97
N VAL A 239 9.57 5.01 -2.37
CA VAL A 239 9.98 4.67 -3.74
C VAL A 239 10.60 5.88 -4.41
N SER A 240 11.71 5.63 -5.10
CA SER A 240 12.54 6.68 -5.66
C SER A 240 13.02 6.21 -7.05
N VAL A 241 13.69 7.08 -7.79
CA VAL A 241 14.07 6.68 -9.14
C VAL A 241 15.36 7.36 -9.56
N VAL A 242 16.28 6.55 -10.07
CA VAL A 242 17.55 7.09 -10.56
C VAL A 242 17.44 7.43 -12.03
N ASP A 243 18.01 8.59 -12.36
CA ASP A 243 18.06 9.18 -13.70
C ASP A 243 19.55 9.40 -14.00
N LEU A 244 20.14 8.44 -14.68
CA LEU A 244 21.55 8.51 -15.02
C LEU A 244 21.81 9.03 -16.44
N THR A 245 22.53 10.14 -16.57
CA THR A 245 22.84 10.68 -17.87
C THR A 245 24.33 10.38 -18.09
N CYS A 246 24.64 9.51 -19.04
CA CYS A 246 26.00 9.07 -19.25
C CYS A 246 26.42 9.07 -20.72
N ARG A 247 27.70 9.34 -20.89
CA ARG A 247 28.44 9.20 -22.14
C ARG A 247 29.13 7.82 -22.12
N LEU A 248 28.93 7.05 -23.18
CA LEU A 248 29.46 5.70 -23.24
C LEU A 248 30.53 5.62 -24.33
N ALA A 249 31.49 4.73 -24.14
CA ALA A 249 32.67 4.65 -24.99
C ALA A 249 32.34 3.91 -26.27
N GLN A 250 31.89 2.66 -26.15
CA GLN A 250 31.47 1.87 -27.30
C GLN A 250 30.08 2.34 -27.76
N PRO A 251 29.79 2.24 -29.08
CA PRO A 251 28.42 2.50 -29.55
C PRO A 251 27.42 1.69 -28.75
N ALA A 252 26.28 2.30 -28.42
CA ALA A 252 25.35 1.68 -27.49
C ALA A 252 23.94 2.08 -27.89
N PRO A 253 23.48 1.58 -29.05
CA PRO A 253 22.08 1.76 -29.43
C PRO A 253 21.20 1.21 -28.33
N TYR A 254 20.04 1.82 -28.14
CA TYR A 254 19.22 1.50 -26.99
C TYR A 254 18.83 0.04 -26.94
N SER A 255 18.66 -0.60 -28.10
CA SER A 255 18.31 -1.98 -28.07
C SER A 255 19.36 -2.89 -27.39
N ALA A 256 20.63 -2.51 -27.51
CA ALA A 256 21.74 -3.27 -26.90
C ALA A 256 21.83 -3.02 -25.42
N ILE A 257 21.61 -1.76 -25.05
CA ILE A 257 21.51 -1.36 -23.65
C ILE A 257 20.48 -2.25 -22.99
N LYS A 258 19.27 -2.29 -23.57
CA LYS A 258 18.22 -3.19 -23.10
C LYS A 258 18.64 -4.66 -23.02
N GLU A 259 19.26 -5.22 -24.08
CA GLU A 259 19.61 -6.63 -23.99
CA GLU A 259 19.77 -6.60 -24.10
C GLU A 259 20.68 -6.90 -22.91
N ALA A 260 21.59 -5.95 -22.67
CA ALA A 260 22.60 -6.08 -21.61
C ALA A 260 21.98 -6.12 -20.20
N VAL A 261 20.99 -5.26 -19.95
CA VAL A 261 20.37 -5.20 -18.62
C VAL A 261 19.53 -6.47 -18.43
N LYS A 262 18.78 -6.83 -19.46
CA LYS A 262 17.91 -8.02 -19.43
C LYS A 262 18.75 -9.26 -19.13
N ALA A 263 19.88 -9.36 -19.82
CA ALA A 263 20.79 -10.48 -19.62
C ALA A 263 21.30 -10.53 -18.18
N ALA A 264 21.68 -9.37 -17.63
CA ALA A 264 22.17 -9.31 -16.23
C ALA A 264 21.05 -9.69 -15.27
N ALA A 265 19.83 -9.22 -15.53
CA ALA A 265 18.72 -9.50 -14.62
C ALA A 265 18.31 -10.98 -14.61
N LYS A 266 18.36 -11.64 -15.77
CA LYS A 266 17.96 -13.05 -15.82
C LYS A 266 19.04 -13.94 -15.20
N GLY A 267 20.29 -13.52 -15.26
CA GLY A 267 21.40 -14.34 -14.78
C GLY A 267 22.17 -13.85 -13.56
N PRO A 268 23.35 -13.24 -13.78
CA PRO A 268 24.26 -12.94 -12.66
C PRO A 268 23.68 -12.00 -11.60
N MET A 269 22.74 -11.12 -11.97
CA MET A 269 22.17 -10.17 -10.99
C MET A 269 20.73 -10.46 -10.61
N ALA A 270 20.29 -11.67 -10.89
CA ALA A 270 18.91 -12.03 -10.61
C ALA A 270 18.60 -11.79 -9.14
N GLY A 271 17.49 -11.10 -8.88
CA GLY A 271 17.13 -10.72 -7.52
C GLY A 271 17.71 -9.38 -7.06
N ILE A 272 18.72 -8.87 -7.76
CA ILE A 272 19.32 -7.59 -7.44
C ILE A 272 18.83 -6.53 -8.46
N LEU A 273 19.10 -6.79 -9.73
CA LEU A 273 18.72 -5.92 -10.85
C LEU A 273 17.62 -6.59 -11.63
N ALA A 274 16.51 -5.86 -11.79
CA ALA A 274 15.36 -6.37 -12.54
C ALA A 274 15.18 -5.48 -13.76
N TYR A 275 14.35 -5.94 -14.70
CA TYR A 275 14.17 -5.26 -15.97
C TYR A 275 12.70 -5.25 -16.26
N THR A 276 12.15 -4.13 -16.73
CA THR A 276 10.76 -4.12 -17.12
C THR A 276 10.54 -3.24 -18.34
N GLU A 277 9.53 -3.59 -19.13
CA GLU A 277 9.10 -2.80 -20.28
C GLU A 277 7.67 -2.27 -20.07
N ASP A 278 7.10 -2.52 -18.89
CA ASP A 278 5.72 -2.06 -18.63
C ASP A 278 5.60 -0.54 -18.32
N GLU A 279 4.38 -0.03 -18.41
CA GLU A 279 4.13 1.41 -18.20
C GLU A 279 3.98 1.70 -16.71
N VAL A 280 5.08 1.49 -15.99
CA VAL A 280 5.07 1.56 -14.53
C VAL A 280 5.15 2.98 -13.95
N VAL A 281 4.64 3.13 -12.72
CA VAL A 281 4.80 4.36 -11.97
C VAL A 281 5.35 3.98 -10.60
N SER A 282 5.67 4.96 -9.74
CA SER A 282 6.40 4.62 -8.53
C SER A 282 5.70 3.64 -7.60
N THR A 283 4.37 3.75 -7.42
CA THR A 283 3.69 2.85 -6.51
C THR A 283 3.75 1.42 -6.97
N ASP A 284 4.05 1.18 -8.24
CA ASP A 284 4.19 -0.22 -8.67
C ASP A 284 5.41 -0.94 -8.05
N PHE A 285 6.28 -0.18 -7.39
CA PHE A 285 7.45 -0.80 -6.75
C PHE A 285 7.40 -0.79 -5.25
N LEU A 286 6.23 -0.48 -4.66
CA LEU A 286 6.11 -0.60 -3.23
C LEU A 286 6.23 -2.06 -2.85
N GLY A 287 7.22 -2.34 -2.00
CA GLY A 287 7.42 -3.67 -1.49
C GLY A 287 8.33 -4.51 -2.38
N ASP A 288 8.85 -3.89 -3.44
CA ASP A 288 9.76 -4.59 -4.35
C ASP A 288 11.08 -4.87 -3.64
N THR A 289 11.55 -6.10 -3.76
CA THR A 289 12.76 -6.45 -3.05
C THR A 289 14.02 -6.26 -3.91
N HIS A 290 13.91 -5.80 -5.16
CA HIS A 290 15.13 -5.58 -5.97
C HIS A 290 15.86 -4.32 -5.56
N SER A 291 17.14 -4.24 -5.90
CA SER A 291 17.90 -3.06 -5.59
C SER A 291 17.64 -1.98 -6.61
N SER A 292 17.23 -2.39 -7.80
CA SER A 292 17.24 -1.55 -8.97
C SER A 292 16.31 -2.21 -9.99
N ILE A 293 15.35 -1.45 -10.54
CA ILE A 293 14.48 -1.96 -11.61
C ILE A 293 14.50 -1.03 -12.79
N PHE A 294 15.23 -1.47 -13.81
CA PHE A 294 15.44 -0.72 -15.02
C PHE A 294 14.09 -0.59 -15.78
N ASP A 295 13.82 0.63 -16.15
CA ASP A 295 12.58 1.01 -16.84
C ASP A 295 12.92 1.28 -18.31
N ALA A 296 12.76 0.27 -19.17
CA ALA A 296 13.24 0.41 -20.54
C ALA A 296 12.54 1.52 -21.30
N LYS A 297 11.23 1.59 -21.16
CA LYS A 297 10.45 2.57 -21.94
C LYS A 297 10.65 4.03 -21.49
N ALA A 298 11.14 4.25 -20.28
CA ALA A 298 11.23 5.62 -19.76
C ALA A 298 12.53 6.35 -20.20
N GLY A 299 13.57 5.58 -20.47
CA GLY A 299 14.83 6.15 -20.88
C GLY A 299 14.78 6.78 -22.26
N ILE A 300 15.76 7.64 -22.53
CA ILE A 300 15.87 8.25 -23.84
C ILE A 300 17.34 8.45 -24.25
N ALA A 301 17.58 8.28 -25.54
CA ALA A 301 18.93 8.47 -26.11
C ALA A 301 18.93 9.67 -27.02
N LEU A 302 19.99 10.48 -26.93
CA LEU A 302 20.22 11.51 -27.92
C LEU A 302 20.91 10.87 -29.14
N ASN A 303 21.79 9.92 -28.88
CA ASN A 303 22.56 9.28 -29.92
C ASN A 303 23.19 8.04 -29.33
N ASP A 304 24.02 7.34 -30.10
CA ASP A 304 24.53 6.06 -29.66
C ASP A 304 25.48 6.13 -28.46
N ASN A 305 26.01 7.31 -28.15
CA ASN A 305 26.93 7.44 -27.03
C ASN A 305 26.50 8.33 -25.85
N PHE A 306 25.27 8.84 -25.87
CA PHE A 306 24.80 9.80 -24.88
C PHE A 306 23.33 9.49 -24.58
N VAL A 307 23.12 8.89 -23.43
CA VAL A 307 21.81 8.34 -23.08
C VAL A 307 21.39 8.67 -21.63
N LYS A 308 20.09 8.53 -21.36
CA LYS A 308 19.54 8.77 -20.02
C LYS A 308 18.78 7.51 -19.63
N LEU A 309 19.28 6.88 -18.58
CA LEU A 309 18.77 5.61 -18.18
C LEU A 309 18.05 5.78 -16.83
N ILE A 310 16.91 5.13 -16.73
CA ILE A 310 16.01 5.25 -15.60
C ILE A 310 15.85 3.96 -14.85
N SER A 311 16.12 4.01 -13.55
CA SER A 311 15.92 2.84 -12.68
C SER A 311 15.19 3.12 -11.37
N TRP A 312 14.21 2.28 -11.05
CA TRP A 312 13.39 2.44 -9.85
C TRP A 312 13.98 1.68 -8.67
N TYR A 313 13.67 2.16 -7.46
CA TYR A 313 13.96 1.41 -6.24
C TYR A 313 13.03 1.79 -5.11
N ASP A 314 12.55 0.79 -4.39
CA ASP A 314 11.88 1.07 -3.13
C ASP A 314 12.98 1.32 -2.10
N ASN A 315 13.20 2.59 -1.79
CA ASN A 315 14.36 3.01 -1.01
C ASN A 315 14.31 2.44 0.39
N GLU A 316 13.13 2.09 0.86
CA GLU A 316 13.03 1.41 2.15
C GLU A 316 13.19 -0.10 2.05
N TYR A 317 12.41 -0.71 1.16
CA TYR A 317 12.28 -2.16 1.18
C TYR A 317 13.44 -2.91 0.49
N GLY A 318 13.90 -2.42 -0.66
CA GLY A 318 15.06 -3.00 -1.33
C GLY A 318 16.31 -2.98 -0.47
N TYR A 319 16.61 -1.79 0.07
CA TYR A 319 17.76 -1.60 0.89
C TYR A 319 17.71 -2.53 2.10
N SER A 320 16.54 -2.68 2.74
CA SER A 320 16.43 -3.52 3.92
C SER A 320 16.71 -4.95 3.59
N HIS A 321 16.18 -5.40 2.46
CA HIS A 321 16.47 -6.77 2.05
C HIS A 321 17.95 -6.94 1.72
N ARG A 322 18.57 -5.90 1.17
CA ARG A 322 20.02 -6.02 0.92
C ARG A 322 20.81 -6.13 2.23
N VAL A 323 20.38 -5.45 3.30
CA VAL A 323 21.10 -5.55 4.56
C VAL A 323 21.11 -7.00 5.01
N VAL A 324 19.99 -7.69 4.87
CA VAL A 324 19.86 -9.08 5.28
C VAL A 324 20.69 -10.01 4.39
N ASP A 325 20.65 -9.76 3.10
CA ASP A 325 21.45 -10.51 2.11
C ASP A 325 22.97 -10.42 2.38
N LEU A 326 23.47 -9.24 2.73
CA LEU A 326 24.88 -9.06 3.11
C LEU A 326 25.21 -9.79 4.39
N LEU A 327 24.31 -9.75 5.37
CA LEU A 327 24.47 -10.51 6.61
C LEU A 327 24.59 -12.01 6.32
N ARG A 328 23.67 -12.55 5.51
CA ARG A 328 23.72 -13.99 5.18
C ARG A 328 24.98 -14.37 4.37
N TYR A 329 25.35 -13.51 3.43
CA TYR A 329 26.57 -13.73 2.67
C TYR A 329 27.81 -13.70 3.55
N MET A 330 27.95 -12.67 4.39
CA MET A 330 29.04 -12.55 5.32
C MET A 330 29.14 -13.82 6.16
N PHE A 331 28.03 -14.29 6.72
CA PHE A 331 28.04 -15.49 7.53
C PHE A 331 28.47 -16.74 6.75
N SER A 332 28.10 -16.81 5.47
CA SER A 332 28.46 -17.95 4.63
C SER A 332 29.98 -17.96 4.35
N ARG A 333 30.62 -16.81 4.58
CA ARG A 333 32.05 -16.68 4.33
C ARG A 333 32.87 -16.77 5.62
N ASP A 334 32.19 -16.62 6.76
CA ASP A 334 32.84 -16.62 8.09
C ASP A 334 33.04 -18.05 8.55
N ALA A 335 32.57 -18.98 7.73
CA ALA A 335 32.82 -20.39 7.91
C ALA A 335 34.02 -20.75 7.04
N GLU A 336 35.16 -20.13 7.34
CA GLU A 336 36.41 -20.34 6.60
C GLU A 336 37.62 -20.26 7.54
N ARG B 1 -26.43 -23.79 -13.00
CA ARG B 1 -26.49 -24.10 -11.58
C ARG B 1 -25.67 -23.11 -10.76
N GLU B 2 -24.59 -22.58 -11.33
CA GLU B 2 -23.65 -21.73 -10.59
C GLU B 2 -23.88 -20.22 -10.78
N LEU B 3 -23.40 -19.44 -9.83
CA LEU B 3 -23.42 -17.99 -9.94
C LEU B 3 -22.33 -17.54 -10.90
N THR B 4 -22.73 -16.82 -11.94
CA THR B 4 -21.79 -16.22 -12.88
C THR B 4 -22.06 -14.71 -12.93
N VAL B 5 -21.02 -13.90 -13.14
CA VAL B 5 -21.17 -12.46 -13.04
C VAL B 5 -20.64 -11.78 -14.28
N GLY B 6 -21.36 -10.73 -14.68
CA GLY B 6 -20.91 -9.84 -15.73
C GLY B 6 -20.71 -8.47 -15.09
N ILE B 7 -19.70 -7.73 -15.53
CA ILE B 7 -19.43 -6.39 -15.00
C ILE B 7 -19.50 -5.34 -16.10
N ASN B 8 -20.34 -4.34 -15.87
CA ASN B 8 -20.42 -3.23 -16.78
C ASN B 8 -19.68 -2.05 -16.19
N GLY B 9 -18.66 -1.63 -16.91
CA GLY B 9 -17.78 -0.55 -16.47
C GLY B 9 -16.54 -1.11 -15.83
N PHE B 10 -15.38 -0.57 -16.20
CA PHE B 10 -14.14 -1.01 -15.62
C PHE B 10 -13.43 0.16 -14.95
N GLY B 11 -14.18 0.96 -14.21
CA GLY B 11 -13.62 1.99 -13.36
C GLY B 11 -13.15 1.33 -12.09
N ARG B 12 -12.90 2.12 -11.06
CA ARG B 12 -12.31 1.59 -9.79
C ARG B 12 -13.19 0.52 -9.17
N ILE B 13 -14.50 0.74 -9.18
CA ILE B 13 -15.40 -0.20 -8.52
C ILE B 13 -15.51 -1.49 -9.35
N GLY B 14 -15.62 -1.37 -10.66
CA GLY B 14 -15.54 -2.50 -11.58
C GLY B 14 -14.32 -3.42 -11.44
N ARG B 15 -13.12 -2.82 -11.35
CA ARG B 15 -11.89 -3.53 -11.25
C ARG B 15 -11.79 -4.15 -9.88
N LEU B 16 -12.17 -3.41 -8.84
CA LEU B 16 -12.02 -3.92 -7.49
C LEU B 16 -13.08 -5.00 -7.21
N VAL B 17 -14.23 -4.89 -7.86
CA VAL B 17 -15.25 -5.95 -7.73
C VAL B 17 -14.76 -7.26 -8.38
N LEU B 18 -14.06 -7.15 -9.49
CA LEU B 18 -13.43 -8.32 -10.08
C LEU B 18 -12.39 -8.92 -9.11
N ARG B 19 -11.53 -8.10 -8.50
CA ARG B 19 -10.61 -8.68 -7.52
C ARG B 19 -11.39 -9.45 -6.44
N ALA B 20 -12.46 -8.84 -5.90
CA ALA B 20 -13.21 -9.46 -4.81
C ALA B 20 -13.83 -10.76 -5.28
N CYS B 21 -14.33 -10.80 -6.50
CA CYS B 21 -14.84 -12.05 -7.06
C CYS B 21 -13.76 -13.13 -7.13
N MET B 22 -12.55 -12.76 -7.54
CA MET B 22 -11.47 -13.74 -7.67
C MET B 22 -11.13 -14.26 -6.28
N GLU B 23 -11.16 -13.37 -5.30
CA GLU B 23 -10.83 -13.71 -3.92
C GLU B 23 -11.83 -14.69 -3.33
N LYS B 24 -13.09 -14.53 -3.73
CA LYS B 24 -14.19 -15.25 -3.10
C LYS B 24 -14.69 -16.42 -3.95
N GLY B 25 -13.97 -16.70 -5.03
CA GLY B 25 -14.27 -17.84 -5.87
C GLY B 25 -15.49 -17.69 -6.77
N VAL B 26 -15.95 -16.44 -6.96
CA VAL B 26 -17.08 -16.13 -7.84
C VAL B 26 -16.60 -15.98 -9.28
N LYS B 27 -17.26 -16.70 -10.18
CA LYS B 27 -16.83 -16.73 -11.58
C LYS B 27 -17.38 -15.54 -12.37
N VAL B 28 -16.48 -14.76 -12.95
CA VAL B 28 -16.88 -13.66 -13.79
C VAL B 28 -16.74 -14.12 -15.23
N VAL B 29 -17.82 -13.99 -16.00
CA VAL B 29 -17.78 -14.48 -17.38
C VAL B 29 -17.54 -13.36 -18.37
N ALA B 30 -17.84 -12.12 -18.00
CA ALA B 30 -17.58 -11.01 -18.93
C ALA B 30 -17.50 -9.59 -18.33
N VAL B 31 -16.73 -8.75 -19.02
CA VAL B 31 -16.65 -7.32 -18.73
C VAL B 31 -17.01 -6.49 -19.96
N ASN B 32 -17.82 -5.46 -19.75
CA ASN B 32 -18.12 -4.50 -20.81
C ASN B 32 -17.63 -3.12 -20.46
N ASP B 33 -16.93 -2.51 -21.40
CA ASP B 33 -16.55 -1.11 -21.29
C ASP B 33 -16.19 -0.60 -22.69
N PRO B 34 -16.81 0.51 -23.12
CA PRO B 34 -16.54 0.94 -24.51
C PRO B 34 -15.19 1.57 -24.75
N PHE B 35 -14.57 2.14 -23.72
CA PHE B 35 -13.36 2.94 -23.89
C PHE B 35 -12.04 2.23 -23.62
N ILE B 36 -12.11 1.13 -22.89
CA ILE B 36 -10.94 0.39 -22.43
C ILE B 36 -10.88 -0.99 -23.14
N ASP B 37 -9.95 -1.15 -24.07
CA ASP B 37 -9.77 -2.40 -24.78
C ASP B 37 -9.13 -3.46 -23.87
N PRO B 38 -9.15 -4.75 -24.28
CA PRO B 38 -8.69 -5.82 -23.40
C PRO B 38 -7.25 -5.70 -22.92
N GLU B 39 -6.36 -5.26 -23.79
CA GLU B 39 -4.96 -5.19 -23.45
C GLU B 39 -4.75 -4.11 -22.41
N TYR B 40 -5.48 -3.00 -22.55
CA TYR B 40 -5.46 -1.95 -21.52
C TYR B 40 -6.17 -2.42 -20.24
N MET B 41 -7.20 -3.27 -20.33
CA MET B 41 -7.88 -3.74 -19.13
C MET B 41 -6.90 -4.57 -18.30
N VAL B 42 -6.10 -5.38 -19.00
CA VAL B 42 -5.02 -6.15 -18.36
C VAL B 42 -4.11 -5.28 -17.49
N TYR B 43 -3.56 -4.24 -18.10
CA TYR B 43 -2.72 -3.23 -17.42
C TYR B 43 -3.43 -2.57 -16.22
N MET B 44 -4.67 -2.14 -16.41
CA MET B 44 -5.38 -1.41 -15.35
C MET B 44 -5.73 -2.31 -14.20
N PHE B 45 -5.95 -3.59 -14.50
CA PHE B 45 -6.33 -4.54 -13.47
C PHE B 45 -5.09 -4.98 -12.68
N LYS B 46 -3.99 -5.19 -13.40
CA LYS B 46 -2.74 -5.66 -12.84
CA LYS B 46 -2.74 -5.67 -12.81
C LYS B 46 -2.09 -4.70 -11.86
N TYR B 47 -2.00 -3.44 -12.30
CA TYR B 47 -1.30 -2.43 -11.49
C TYR B 47 -2.31 -1.52 -10.83
N ASP B 48 -2.15 -1.33 -9.55
CA ASP B 48 -3.04 -0.44 -8.79
C ASP B 48 -2.22 0.38 -7.80
N SER B 49 -2.30 1.69 -7.93
CA SER B 49 -1.55 2.57 -7.03
C SER B 49 -1.90 2.43 -5.56
N THR B 50 -3.17 2.09 -5.31
CA THR B 50 -3.69 2.05 -3.95
C THR B 50 -3.63 0.66 -3.36
N HIS B 51 -3.95 -0.36 -4.17
CA HIS B 51 -4.05 -1.70 -3.61
C HIS B 51 -3.03 -2.69 -4.10
N GLY B 52 -1.95 -2.18 -4.71
CA GLY B 52 -0.83 -3.00 -5.12
C GLY B 52 -1.10 -3.86 -6.35
N ARG B 53 -0.07 -4.58 -6.77
CA ARG B 53 -0.20 -5.42 -7.97
C ARG B 53 -1.17 -6.58 -7.68
N TYR B 54 -1.98 -6.94 -8.68
CA TYR B 54 -2.86 -8.10 -8.55
C TYR B 54 -2.04 -9.33 -8.16
N LYS B 55 -2.52 -10.06 -7.18
CA LYS B 55 -1.73 -11.09 -6.54
C LYS B 55 -1.85 -12.45 -7.24
N GLY B 56 -2.57 -12.48 -8.36
CA GLY B 56 -2.56 -13.60 -9.26
C GLY B 56 -1.87 -13.30 -10.57
N SER B 57 -2.36 -13.90 -11.64
CA SER B 57 -1.84 -13.65 -12.99
C SER B 57 -2.89 -12.92 -13.81
N VAL B 58 -2.43 -12.07 -14.71
CA VAL B 58 -3.32 -11.32 -15.58
C VAL B 58 -2.65 -11.22 -16.93
N GLU B 59 -3.31 -11.71 -17.98
CA GLU B 59 -2.75 -11.64 -19.32
C GLU B 59 -3.88 -11.44 -20.30
N PHE B 60 -3.57 -11.06 -21.53
CA PHE B 60 -4.59 -11.22 -22.57
C PHE B 60 -4.00 -12.00 -23.74
N ARG B 61 -4.90 -12.68 -24.45
CA ARG B 61 -4.58 -13.51 -25.60
C ARG B 61 -5.89 -13.91 -26.22
N ASN B 62 -5.92 -13.93 -27.54
CA ASN B 62 -7.14 -14.22 -28.28
C ASN B 62 -8.25 -13.24 -27.89
N GLY B 63 -7.91 -11.95 -27.87
CA GLY B 63 -8.89 -10.90 -27.64
C GLY B 63 -9.57 -10.99 -26.29
N GLN B 64 -8.99 -11.82 -25.41
CA GLN B 64 -9.61 -12.12 -24.13
C GLN B 64 -8.77 -11.61 -22.96
N LEU B 65 -9.45 -11.15 -21.93
CA LEU B 65 -8.82 -10.94 -20.67
C LEU B 65 -8.67 -12.30 -19.99
N VAL B 66 -7.52 -12.57 -19.39
CA VAL B 66 -7.31 -13.87 -18.75
C VAL B 66 -6.75 -13.68 -17.35
N VAL B 67 -7.55 -14.02 -16.35
CA VAL B 67 -7.19 -13.79 -14.96
C VAL B 67 -7.10 -15.11 -14.20
N ASP B 68 -5.88 -15.44 -13.76
CA ASP B 68 -5.62 -16.71 -13.07
C ASP B 68 -6.04 -17.89 -13.95
N ASN B 69 -5.78 -17.76 -15.24
CA ASN B 69 -6.16 -18.74 -16.26
C ASN B 69 -7.67 -18.96 -16.43
N HIS B 70 -8.47 -18.11 -15.79
CA HIS B 70 -9.89 -18.01 -16.08
CA HIS B 70 -9.88 -18.03 -16.10
C HIS B 70 -10.06 -17.01 -17.23
N GLU B 71 -10.59 -17.48 -18.36
CA GLU B 71 -10.81 -16.61 -19.52
C GLU B 71 -12.08 -15.78 -19.37
N ILE B 72 -11.98 -14.46 -19.62
CA ILE B 72 -13.10 -13.54 -19.39
C ILE B 72 -13.41 -12.80 -20.68
N SER B 73 -14.63 -12.94 -21.16
CA SER B 73 -15.06 -12.26 -22.38
C SER B 73 -15.07 -10.75 -22.19
N VAL B 74 -14.73 -10.01 -23.24
CA VAL B 74 -14.69 -8.56 -23.20
C VAL B 74 -15.50 -7.98 -24.34
N TYR B 75 -16.48 -7.14 -24.01
CA TYR B 75 -17.27 -6.42 -25.01
C TYR B 75 -16.95 -4.93 -24.93
N GLN B 76 -17.35 -4.18 -25.95
CA GLN B 76 -17.03 -2.76 -26.04
C GLN B 76 -18.27 -1.97 -26.41
N CYS B 77 -19.37 -2.23 -25.71
CA CYS B 77 -20.65 -1.63 -26.06
C CYS B 77 -20.86 -0.33 -25.33
N LYS B 78 -21.33 0.67 -26.06
CA LYS B 78 -21.56 1.96 -25.47
C LYS B 78 -22.88 2.00 -24.70
N GLU B 79 -23.79 1.07 -24.98
CA GLU B 79 -25.11 1.10 -24.33
C GLU B 79 -25.53 -0.27 -23.78
N PRO B 80 -26.05 -0.29 -22.53
CA PRO B 80 -26.37 -1.55 -21.87
C PRO B 80 -27.26 -2.48 -22.69
N LYS B 81 -28.16 -1.91 -23.48
CA LYS B 81 -29.06 -2.68 -24.35
C LYS B 81 -28.30 -3.61 -25.29
N GLN B 82 -27.15 -3.14 -25.79
CA GLN B 82 -26.32 -3.83 -26.78
C GLN B 82 -25.50 -5.03 -26.27
N ILE B 83 -25.38 -5.19 -24.96
CA ILE B 83 -24.44 -6.17 -24.42
C ILE B 83 -24.96 -7.61 -24.58
N PRO B 84 -24.21 -8.47 -25.27
CA PRO B 84 -24.73 -9.84 -25.42
C PRO B 84 -24.63 -10.66 -24.14
N TRP B 85 -25.43 -10.32 -23.13
CA TRP B 85 -25.36 -11.05 -21.86
C TRP B 85 -25.84 -12.51 -22.07
N ARG B 86 -26.76 -12.71 -23.02
CA ARG B 86 -27.20 -14.07 -23.33
C ARG B 86 -26.05 -14.92 -23.86
N ALA B 87 -25.15 -14.29 -24.60
CA ALA B 87 -24.02 -14.99 -25.17
C ALA B 87 -23.04 -15.53 -24.12
N VAL B 88 -23.18 -15.09 -22.87
CA VAL B 88 -22.29 -15.57 -21.80
C VAL B 88 -23.09 -16.20 -20.64
N GLY B 89 -24.32 -16.59 -20.92
CA GLY B 89 -25.07 -17.44 -19.99
C GLY B 89 -26.00 -16.70 -19.07
N SER B 90 -26.38 -15.47 -19.44
CA SER B 90 -27.28 -14.65 -18.62
C SER B 90 -26.80 -14.53 -17.17
N PRO B 91 -25.62 -13.91 -16.98
CA PRO B 91 -25.11 -13.72 -15.62
C PRO B 91 -25.88 -12.68 -14.83
N TYR B 92 -25.67 -12.68 -13.52
CA TYR B 92 -25.99 -11.53 -12.68
C TYR B 92 -25.05 -10.42 -13.13
N VAL B 93 -25.56 -9.21 -13.27
CA VAL B 93 -24.73 -8.13 -13.79
C VAL B 93 -24.48 -7.03 -12.73
N VAL B 94 -23.21 -6.67 -12.55
CA VAL B 94 -22.86 -5.49 -11.74
C VAL B 94 -22.82 -4.30 -12.65
N GLU B 95 -23.65 -3.32 -12.33
CA GLU B 95 -23.78 -2.10 -13.12
C GLU B 95 -23.00 -1.00 -12.40
N SER B 96 -21.76 -0.79 -12.83
CA SER B 96 -20.84 0.05 -12.05
C SER B 96 -20.38 1.33 -12.76
N THR B 97 -21.05 1.72 -13.84
CA THR B 97 -20.65 2.94 -14.57
C THR B 97 -21.06 4.25 -13.89
N GLY B 98 -21.98 4.17 -12.92
CA GLY B 98 -22.50 5.35 -12.28
C GLY B 98 -23.46 6.18 -13.11
N VAL B 99 -23.85 5.69 -14.27
CA VAL B 99 -24.71 6.50 -15.14
C VAL B 99 -25.98 5.76 -15.60
N TYR B 100 -26.36 4.70 -14.90
CA TYR B 100 -27.64 4.02 -15.18
C TYR B 100 -28.28 3.59 -13.87
N LEU B 101 -28.69 4.59 -13.08
CA LEU B 101 -28.99 4.38 -11.67
C LEU B 101 -30.46 4.02 -11.43
N SER B 102 -31.36 4.49 -12.29
CA SER B 102 -32.78 4.20 -12.12
C SER B 102 -33.11 2.76 -12.46
N ILE B 103 -34.18 2.23 -11.87
CA ILE B 103 -34.68 0.92 -12.27
C ILE B 103 -34.82 0.87 -13.79
N GLN B 104 -35.36 1.94 -14.37
CA GLN B 104 -35.59 1.96 -15.81
C GLN B 104 -34.29 1.84 -16.59
N ALA B 105 -33.33 2.71 -16.28
CA ALA B 105 -32.08 2.74 -17.04
C ALA B 105 -31.38 1.39 -16.95
N ALA B 106 -31.21 0.93 -15.71
CA ALA B 106 -30.59 -0.35 -15.43
C ALA B 106 -31.26 -1.52 -16.14
N SER B 107 -32.59 -1.45 -16.29
CA SER B 107 -33.35 -2.58 -16.83
C SER B 107 -32.92 -2.95 -18.25
N ASP B 108 -32.21 -2.05 -18.94
CA ASP B 108 -31.69 -2.38 -20.27
C ASP B 108 -30.79 -3.61 -20.21
N HIS B 109 -30.12 -3.79 -19.08
CA HIS B 109 -29.35 -5.02 -18.84
C HIS B 109 -30.23 -6.27 -18.94
N ILE B 110 -31.42 -6.19 -18.34
CA ILE B 110 -32.36 -7.30 -18.34
C ILE B 110 -32.85 -7.60 -19.76
N SER B 111 -33.20 -6.56 -20.50
CA SER B 111 -33.64 -6.76 -21.88
CA SER B 111 -33.61 -6.72 -21.89
C SER B 111 -32.52 -7.43 -22.67
N ALA B 112 -31.28 -7.10 -22.33
CA ALA B 112 -30.10 -7.64 -23.01
C ALA B 112 -29.69 -9.05 -22.55
N GLY B 113 -30.18 -9.52 -21.41
CA GLY B 113 -29.96 -10.91 -21.02
C GLY B 113 -29.62 -11.20 -19.56
N ALA B 114 -29.56 -10.15 -18.75
CA ALA B 114 -29.11 -10.29 -17.36
C ALA B 114 -30.20 -10.80 -16.42
N GLN B 115 -29.83 -11.77 -15.61
CA GLN B 115 -30.76 -12.39 -14.69
C GLN B 115 -31.14 -11.43 -13.56
N ARG B 116 -30.13 -10.80 -12.96
CA ARG B 116 -30.35 -9.74 -11.96
C ARG B 116 -29.35 -8.63 -12.19
N VAL B 117 -29.60 -7.48 -11.57
CA VAL B 117 -28.68 -6.35 -11.65
C VAL B 117 -28.42 -5.84 -10.26
N VAL B 118 -27.14 -5.72 -9.92
CA VAL B 118 -26.74 -4.97 -8.74
C VAL B 118 -26.15 -3.67 -9.21
N ILE B 119 -26.76 -2.57 -8.81
CA ILE B 119 -26.23 -1.25 -9.09
C ILE B 119 -25.28 -0.85 -7.98
N SER B 120 -24.02 -0.56 -8.31
CA SER B 120 -22.98 -0.34 -7.29
C SER B 120 -22.88 1.14 -6.92
N ALA B 121 -24.01 1.67 -6.51
CA ALA B 121 -24.17 3.10 -6.33
C ALA B 121 -25.59 3.31 -5.82
N PRO B 122 -25.81 4.41 -5.11
CA PRO B 122 -27.20 4.62 -4.69
C PRO B 122 -28.08 4.84 -5.91
N SER B 123 -29.37 4.49 -5.76
CA SER B 123 -30.36 4.66 -6.82
C SER B 123 -31.53 5.47 -6.27
N PRO B 124 -32.14 6.32 -7.11
CA PRO B 124 -33.33 7.06 -6.66
C PRO B 124 -34.51 6.13 -6.33
N ASP B 125 -34.76 5.11 -7.16
CA ASP B 125 -35.98 4.32 -7.01
C ASP B 125 -35.75 2.82 -6.79
N ALA B 126 -34.59 2.30 -7.18
CA ALA B 126 -34.31 0.88 -6.99
C ALA B 126 -34.20 0.53 -5.51
N PRO B 127 -34.61 -0.69 -5.13
CA PRO B 127 -34.49 -1.07 -3.72
C PRO B 127 -33.03 -1.16 -3.27
N MET B 128 -32.78 -0.88 -2.00
CA MET B 128 -31.43 -0.61 -1.52
C MET B 128 -31.09 -1.52 -0.37
N PHE B 129 -29.91 -2.13 -0.44
CA PHE B 129 -29.47 -3.06 0.60
C PHE B 129 -28.09 -2.79 1.20
N VAL B 130 -28.01 -3.04 2.49
CA VAL B 130 -26.77 -3.01 3.22
C VAL B 130 -26.61 -4.36 3.92
N MET B 131 -25.69 -5.17 3.43
CA MET B 131 -25.37 -6.44 4.09
C MET B 131 -25.12 -6.23 5.58
N GLY B 132 -25.81 -7.01 6.40
CA GLY B 132 -25.70 -6.93 7.85
C GLY B 132 -26.86 -6.17 8.47
N VAL B 133 -27.68 -5.56 7.63
CA VAL B 133 -28.73 -4.65 8.11
C VAL B 133 -30.12 -5.05 7.59
N ASN B 134 -30.25 -5.27 6.30
CA ASN B 134 -31.56 -5.51 5.70
C ASN B 134 -31.58 -6.40 4.46
N GLU B 135 -30.61 -7.32 4.32
CA GLU B 135 -30.55 -8.13 3.08
C GLU B 135 -31.70 -9.16 3.08
N ASN B 136 -32.22 -9.48 4.26
CA ASN B 136 -33.34 -10.42 4.33
C ASN B 136 -34.66 -9.72 3.99
N ASP B 137 -34.59 -8.57 3.32
CA ASP B 137 -35.77 -7.88 2.79
C ASP B 137 -35.80 -7.97 1.27
N TYR B 138 -34.79 -8.63 0.71
CA TYR B 138 -34.75 -8.87 -0.72
C TYR B 138 -35.87 -9.82 -1.15
N ASN B 139 -36.71 -9.37 -2.08
CA ASN B 139 -37.83 -10.15 -2.61
C ASN B 139 -37.52 -10.65 -4.03
N PRO B 140 -37.07 -11.91 -4.17
CA PRO B 140 -36.64 -12.47 -5.46
C PRO B 140 -37.65 -12.38 -6.61
N GLY B 141 -38.94 -12.24 -6.32
CA GLY B 141 -39.93 -12.24 -7.36
C GLY B 141 -40.06 -10.89 -8.02
N SER B 142 -40.02 -9.86 -7.20
CA SER B 142 -40.32 -8.51 -7.64
C SER B 142 -39.10 -7.62 -7.84
N MET B 143 -37.96 -8.07 -7.32
CA MET B 143 -36.73 -7.30 -7.41
C MET B 143 -35.79 -7.92 -8.44
N ASN B 144 -35.80 -7.33 -9.63
CA ASN B 144 -34.90 -7.70 -10.71
CA ASN B 144 -34.88 -7.73 -10.70
C ASN B 144 -33.65 -6.82 -10.70
N ILE B 145 -33.72 -5.75 -9.92
CA ILE B 145 -32.72 -4.69 -9.91
C ILE B 145 -32.60 -4.13 -8.51
N VAL B 146 -31.40 -4.15 -7.94
CA VAL B 146 -31.17 -3.59 -6.59
C VAL B 146 -29.94 -2.68 -6.62
N SER B 147 -29.79 -1.87 -5.58
CA SER B 147 -28.65 -0.98 -5.40
C SER B 147 -27.97 -1.44 -4.12
N ASN B 148 -26.63 -1.40 -4.08
CA ASN B 148 -25.92 -1.81 -2.87
C ASN B 148 -25.61 -0.57 -2.04
N ALA B 149 -26.33 0.51 -2.33
CA ALA B 149 -26.20 1.82 -1.65
C ALA B 149 -24.78 2.36 -1.87
N SER B 150 -24.28 3.17 -0.93
CA SER B 150 -22.98 3.79 -1.11
C SER B 150 -21.98 3.19 -0.16
N THR B 152 -20.36 4.93 1.96
CA THR B 152 -20.55 5.63 3.23
C THR B 152 -21.79 5.05 4.00
N THR B 153 -22.87 4.84 3.28
CA THR B 153 -24.09 4.24 3.90
C THR B 153 -23.77 2.86 4.49
N ASN B 154 -22.90 2.11 3.80
CA ASN B 154 -22.48 0.78 4.27
C ASN B 154 -21.63 0.86 5.50
N CYS B 155 -20.99 2.00 5.69
CA CYS B 155 -20.21 2.18 6.92
C CYS B 155 -21.14 2.53 8.04
N LEU B 156 -22.06 3.43 7.76
CA LEU B 156 -22.88 4.02 8.82
C LEU B 156 -24.02 3.09 9.28
N ALA B 157 -24.70 2.44 8.36
CA ALA B 157 -25.92 1.67 8.72
C ALA B 157 -25.67 0.51 9.71
N PRO B 158 -24.62 -0.30 9.48
CA PRO B 158 -24.30 -1.33 10.48
C PRO B 158 -24.16 -0.73 11.86
N LEU B 159 -23.41 0.37 11.97
CA LEU B 159 -23.23 1.00 13.26
C LEU B 159 -24.54 1.61 13.81
N ALA B 160 -25.33 2.25 12.96
CA ALA B 160 -26.57 2.89 13.40
C ALA B 160 -27.51 1.80 13.93
N LYS B 161 -27.61 0.71 13.17
CA LYS B 161 -28.44 -0.43 13.55
C LYS B 161 -28.10 -0.89 14.96
N VAL B 162 -26.81 -1.07 15.23
CA VAL B 162 -26.38 -1.58 16.54
C VAL B 162 -26.73 -0.60 17.64
N ILE B 163 -26.46 0.69 17.39
CA ILE B 163 -26.65 1.70 18.43
C ILE B 163 -28.12 1.93 18.69
N HIS B 164 -28.88 2.04 17.64
CA HIS B 164 -30.30 2.21 17.77
C HIS B 164 -30.98 1.04 18.50
N GLU B 165 -30.68 -0.17 18.08
CA GLU B 165 -31.34 -1.32 18.66
C GLU B 165 -31.01 -1.45 20.13
N ARG B 166 -29.82 -1.00 20.54
CA ARG B 166 -29.42 -1.14 21.93
C ARG B 166 -29.87 0.02 22.80
N PHE B 167 -29.73 1.25 22.28
CA PHE B 167 -29.96 2.46 23.07
C PHE B 167 -31.08 3.36 22.50
N GLY B 168 -31.43 3.19 21.22
CA GLY B 168 -32.33 4.11 20.57
C GLY B 168 -31.66 5.44 20.18
N ILE B 169 -31.75 5.76 18.90
CA ILE B 169 -31.23 7.01 18.36
C ILE B 169 -32.35 8.03 18.28
N VAL B 170 -32.27 9.08 19.11
CA VAL B 170 -33.20 10.19 19.04
C VAL B 170 -32.97 10.97 17.77
N GLU B 171 -31.72 11.42 17.58
CA GLU B 171 -31.34 12.10 16.35
C GLU B 171 -29.82 12.06 16.23
N GLY B 172 -29.34 12.12 14.99
CA GLY B 172 -27.91 12.16 14.75
C GLY B 172 -27.53 12.94 13.50
N LEU B 173 -26.34 13.53 13.56
CA LEU B 173 -25.75 14.20 12.41
C LEU B 173 -24.36 13.59 12.12
N MET B 174 -24.15 13.26 10.86
CA MET B 174 -22.93 12.57 10.39
C MET B 174 -22.01 13.53 9.62
N THR B 175 -20.73 13.50 9.93
CA THR B 175 -19.69 13.92 8.97
C THR B 175 -18.90 12.69 8.55
N THR B 176 -18.67 12.55 7.25
CA THR B 176 -17.60 11.67 6.78
C THR B 176 -16.37 12.49 6.30
N VAL B 177 -15.21 12.18 6.86
CA VAL B 177 -13.97 12.72 6.35
C VAL B 177 -13.47 11.69 5.35
N HIS B 178 -13.58 12.04 4.08
CA HIS B 178 -13.54 11.10 2.99
C HIS B 178 -12.38 11.37 1.99
N SER B 179 -11.74 10.29 1.56
CA SER B 179 -10.72 10.37 0.51
C SER B 179 -11.34 10.91 -0.78
N TYR B 180 -10.48 11.55 -1.56
CA TYR B 180 -10.90 12.05 -2.83
C TYR B 180 -11.13 10.88 -3.79
N THR B 181 -11.80 11.16 -4.90
CA THR B 181 -12.26 10.15 -5.82
C THR B 181 -12.14 10.64 -7.26
N ALA B 182 -12.52 9.75 -8.16
CA ALA B 182 -12.35 9.93 -9.58
C ALA B 182 -13.18 11.08 -10.15
N THR B 183 -14.21 11.49 -9.43
CA THR B 183 -15.10 12.55 -9.86
C THR B 183 -14.41 13.90 -9.59
N GLN B 184 -13.32 13.88 -8.82
CA GLN B 184 -12.63 15.14 -8.48
C GLN B 184 -11.51 15.48 -9.51
N LYS B 185 -10.92 16.67 -9.36
CA LYS B 185 -9.89 17.21 -10.26
C LYS B 185 -8.51 17.35 -9.62
N THR B 186 -7.46 17.17 -10.40
CA THR B 186 -6.12 17.30 -9.86
C THR B 186 -5.78 18.74 -9.55
N VAL B 187 -6.28 19.67 -10.37
CA VAL B 187 -6.09 21.10 -10.18
C VAL B 187 -7.44 21.75 -10.52
N ASP B 188 -7.65 22.96 -10.02
CA ASP B 188 -8.91 23.71 -10.19
C ASP B 188 -9.47 23.60 -11.60
N GLY B 189 -10.56 22.87 -11.75
CA GLY B 189 -11.17 22.70 -13.05
C GLY B 189 -12.69 22.68 -12.98
N PRO B 190 -13.33 22.27 -14.09
CA PRO B 190 -14.76 22.58 -14.21
C PRO B 190 -15.67 21.53 -13.56
N SER B 191 -16.62 22.03 -12.77
CA SER B 191 -17.55 21.20 -12.03
C SER B 191 -18.81 22.03 -11.84
N ARG B 192 -19.49 22.28 -12.95
CA ARG B 192 -20.56 23.26 -13.01
C ARG B 192 -21.78 22.91 -12.14
N LYS B 193 -22.04 21.62 -11.90
CA LYS B 193 -23.13 21.20 -11.00
C LYS B 193 -22.78 21.32 -9.50
N ALA B 194 -21.50 21.45 -9.20
CA ALA B 194 -21.04 21.46 -7.81
C ALA B 194 -19.66 22.11 -7.77
N TRP B 195 -19.66 23.41 -7.56
CA TRP B 195 -18.45 24.19 -7.82
C TRP B 195 -17.25 23.75 -6.97
N ARG B 196 -17.49 23.46 -5.70
CA ARG B 196 -16.40 23.08 -4.82
C ARG B 196 -15.67 21.83 -5.34
N ASP B 197 -16.41 20.88 -5.91
CA ASP B 197 -15.79 19.63 -6.40
C ASP B 197 -14.87 19.83 -7.60
N GLY B 198 -14.83 21.03 -8.17
CA GLY B 198 -13.84 21.33 -9.18
C GLY B 198 -12.45 21.70 -8.66
N ARG B 199 -12.37 22.12 -7.40
CA ARG B 199 -11.17 22.71 -6.85
C ARG B 199 -10.19 21.57 -6.58
N GLY B 200 -8.91 21.86 -6.65
CA GLY B 200 -7.89 20.84 -6.73
C GLY B 200 -7.96 19.92 -5.51
N ALA B 201 -8.01 18.64 -5.78
CA ALA B 201 -8.39 17.68 -4.74
C ALA B 201 -7.30 17.40 -3.73
N HIS B 202 -6.07 17.68 -4.11
CA HIS B 202 -4.86 17.32 -3.36
CA HIS B 202 -4.99 17.30 -3.25
C HIS B 202 -4.45 18.48 -2.50
N GLN B 203 -4.94 19.65 -2.89
CA GLN B 203 -4.60 20.86 -2.18
C GLN B 203 -5.61 21.22 -1.07
N ASN B 204 -6.84 20.71 -1.19
CA ASN B 204 -7.97 21.23 -0.40
C ASN B 204 -8.71 20.24 0.49
N ILE B 205 -9.17 20.78 1.60
CA ILE B 205 -10.37 20.26 2.30
C ILE B 205 -11.58 20.86 1.62
N ILE B 206 -12.45 20.01 1.07
CA ILE B 206 -13.63 20.40 0.26
C ILE B 206 -14.95 19.93 0.88
N PRO B 207 -15.73 20.85 1.45
CA PRO B 207 -17.07 20.43 1.89
C PRO B 207 -17.92 19.89 0.76
N ALA B 208 -18.74 18.86 1.03
CA ALA B 208 -19.55 18.29 -0.02
C ALA B 208 -20.83 17.71 0.58
N SER B 209 -21.89 17.83 -0.20
CA SER B 209 -23.17 17.18 0.10
C SER B 209 -23.07 15.66 -0.05
N THR B 210 -23.74 14.94 0.85
CA THR B 210 -23.98 13.52 0.60
C THR B 210 -25.36 13.09 1.15
N GLY B 211 -26.00 12.17 0.46
CA GLY B 211 -27.25 11.56 0.90
C GLY B 211 -27.07 10.32 1.73
N ALA B 212 -25.82 9.98 2.05
CA ALA B 212 -25.53 8.71 2.73
C ALA B 212 -26.24 8.53 4.06
N ALA B 213 -26.22 9.54 4.92
CA ALA B 213 -26.83 9.42 6.25
C ALA B 213 -28.33 9.26 6.14
N LYS B 214 -28.93 9.96 5.19
CA LYS B 214 -30.36 9.89 4.97
C LYS B 214 -30.73 8.51 4.40
N ALA B 215 -29.94 8.03 3.45
CA ALA B 215 -30.10 6.70 2.88
C ALA B 215 -30.20 5.62 3.97
N VAL B 216 -29.53 5.85 5.10
CA VAL B 216 -29.52 4.89 6.18
C VAL B 216 -30.96 4.77 6.72
N THR B 217 -31.66 5.90 6.74
CA THR B 217 -33.05 5.92 7.24
C THR B 217 -34.00 5.19 6.28
N LYS B 218 -33.53 4.80 5.09
CA LYS B 218 -34.32 3.94 4.19
C LYS B 218 -34.09 2.45 4.41
N VAL B 219 -32.87 2.04 4.74
CA VAL B 219 -32.61 0.63 4.99
C VAL B 219 -32.96 0.35 6.45
N ILE B 220 -33.06 1.41 7.26
CA ILE B 220 -33.53 1.34 8.64
C ILE B 220 -34.71 2.33 8.84
N PRO B 221 -35.93 1.95 8.39
CA PRO B 221 -37.14 2.79 8.41
C PRO B 221 -37.44 3.47 9.75
N GLU B 222 -37.12 2.83 10.87
CA GLU B 222 -37.46 3.41 12.14
C GLU B 222 -36.62 4.64 12.45
N LEU B 223 -35.60 4.89 11.63
CA LEU B 223 -34.79 6.10 11.78
C LEU B 223 -35.22 7.21 10.82
N LYS B 224 -36.36 7.04 10.16
CA LYS B 224 -36.84 8.10 9.25
C LYS B 224 -36.96 9.43 9.98
N GLY B 225 -36.31 10.44 9.41
CA GLY B 225 -36.30 11.77 9.97
C GLY B 225 -35.26 12.06 11.01
N LYS B 226 -34.51 11.05 11.45
CA LYS B 226 -33.61 11.20 12.56
C LYS B 226 -32.08 11.31 12.17
N LEU B 227 -31.78 11.15 10.89
CA LEU B 227 -30.37 11.19 10.41
C LEU B 227 -30.18 12.03 9.17
N THR B 228 -29.21 12.95 9.23
CA THR B 228 -28.61 13.46 7.99
C THR B 228 -27.14 13.79 8.20
N GLY B 229 -26.50 14.29 7.16
CA GLY B 229 -25.07 14.59 7.27
C GLY B 229 -24.45 15.28 6.09
N MET B 230 -23.14 15.37 6.15
CA MET B 230 -22.32 15.97 5.07
C MET B 230 -20.92 15.38 5.08
N ALA B 231 -20.09 15.85 4.14
CA ALA B 231 -18.79 15.26 3.84
C ALA B 231 -17.75 16.35 3.72
N PHE B 232 -16.52 16.02 4.12
CA PHE B 232 -15.34 16.78 3.70
C PHE B 232 -14.43 15.86 2.87
N ARG B 233 -14.16 16.22 1.62
CA ARG B 233 -13.16 15.52 0.81
C ARG B 233 -11.77 16.05 1.19
N VAL B 234 -10.84 15.14 1.51
CA VAL B 234 -9.52 15.53 1.96
C VAL B 234 -8.44 14.84 1.10
N PRO B 235 -7.21 15.33 1.18
CA PRO B 235 -6.18 14.81 0.25
C PRO B 235 -5.59 13.44 0.63
N THR B 236 -6.43 12.39 0.71
CA THR B 236 -5.95 11.01 0.77
C THR B 236 -6.64 10.23 -0.34
N PRO B 237 -5.97 9.21 -0.95
CA PRO B 237 -6.53 8.61 -2.17
C PRO B 237 -7.46 7.43 -1.86
N ASP B 238 -7.45 6.96 -0.61
CA ASP B 238 -8.43 5.96 -0.15
C ASP B 238 -8.44 5.78 1.36
N VAL B 239 -9.58 5.27 1.84
CA VAL B 239 -9.99 5.15 3.23
C VAL B 239 -10.62 6.46 3.77
N SER B 240 -11.74 6.26 4.44
CA SER B 240 -12.57 7.35 4.93
C SER B 240 -13.05 7.01 6.31
N VAL B 241 -13.62 8.00 7.02
CA VAL B 241 -14.02 7.81 8.40
C VAL B 241 -15.35 8.53 8.66
N VAL B 242 -16.28 7.78 9.26
CA VAL B 242 -17.56 8.31 9.75
C VAL B 242 -17.45 8.88 11.17
N ASP B 243 -17.96 10.10 11.33
CA ASP B 243 -18.01 10.79 12.60
C ASP B 243 -19.51 11.03 12.85
N LEU B 244 -20.12 10.17 13.68
CA LEU B 244 -21.57 10.20 13.96
C LEU B 244 -21.81 10.91 15.28
N THR B 245 -22.50 12.05 15.26
CA THR B 245 -22.80 12.74 16.52
C THR B 245 -24.28 12.45 16.79
N CYS B 246 -24.59 11.77 17.88
CA CYS B 246 -25.98 11.31 18.05
C CYS B 246 -26.46 11.50 19.49
N ARG B 247 -27.75 11.74 19.61
CA ARG B 247 -28.38 11.81 20.92
C ARG B 247 -29.10 10.47 21.10
N LEU B 248 -28.81 9.80 22.22
CA LEU B 248 -29.38 8.48 22.52
C LEU B 248 -30.45 8.54 23.64
N ALA B 249 -31.51 7.76 23.46
CA ALA B 249 -32.65 7.69 24.40
C ALA B 249 -32.27 7.02 25.73
N GLN B 250 -31.92 5.74 25.66
CA GLN B 250 -31.46 5.03 26.86
C GLN B 250 -30.09 5.55 27.27
N PRO B 251 -29.79 5.61 28.58
CA PRO B 251 -28.42 6.00 28.94
C PRO B 251 -27.38 5.11 28.27
N ALA B 252 -26.26 5.70 27.87
CA ALA B 252 -25.31 4.99 27.04
C ALA B 252 -23.92 5.37 27.44
N PRO B 253 -23.52 4.97 28.65
CA PRO B 253 -22.15 5.21 29.06
C PRO B 253 -21.25 4.52 28.02
N TYR B 254 -20.04 5.04 27.83
CA TYR B 254 -19.27 4.64 26.66
C TYR B 254 -18.89 3.16 26.73
N SER B 255 -18.65 2.68 27.95
CA SER B 255 -18.36 1.26 28.15
C SER B 255 -19.46 0.34 27.65
N ALA B 256 -20.73 0.73 27.80
CA ALA B 256 -21.83 -0.06 27.26
C ALA B 256 -21.90 0.10 25.74
N ILE B 257 -21.48 1.26 25.23
CA ILE B 257 -21.48 1.43 23.76
C ILE B 257 -20.42 0.46 23.19
N LYS B 258 -19.23 0.47 23.79
CA LYS B 258 -18.18 -0.47 23.38
C LYS B 258 -18.66 -1.91 23.47
N GLU B 259 -19.32 -2.30 24.57
CA GLU B 259 -19.74 -3.69 24.68
CA GLU B 259 -19.84 -3.65 24.76
C GLU B 259 -20.78 -4.03 23.63
N ALA B 260 -21.67 -3.11 23.28
CA ALA B 260 -22.66 -3.42 22.26
C ALA B 260 -22.05 -3.64 20.87
N VAL B 261 -21.05 -2.83 20.54
CA VAL B 261 -20.42 -2.92 19.21
C VAL B 261 -19.61 -4.21 19.13
N LYS B 262 -18.85 -4.46 20.18
CA LYS B 262 -18.05 -5.67 20.32
C LYS B 262 -18.91 -6.90 20.11
N ALA B 263 -20.07 -6.96 20.78
CA ALA B 263 -20.95 -8.11 20.65
C ALA B 263 -21.49 -8.26 19.25
N ALA B 264 -21.82 -7.16 18.60
CA ALA B 264 -22.29 -7.25 17.24
C ALA B 264 -21.18 -7.73 16.30
N ALA B 265 -19.96 -7.24 16.53
CA ALA B 265 -18.80 -7.56 15.66
C ALA B 265 -18.36 -9.04 15.81
N LYS B 266 -18.45 -9.54 17.04
CA LYS B 266 -18.16 -10.95 17.35
C LYS B 266 -19.23 -11.91 16.86
N GLY B 267 -20.46 -11.41 16.67
CA GLY B 267 -21.59 -12.26 16.34
C GLY B 267 -22.31 -11.99 15.03
N PRO B 268 -23.52 -11.42 15.13
CA PRO B 268 -24.36 -11.30 13.92
C PRO B 268 -23.76 -10.47 12.80
N MET B 269 -22.88 -9.51 13.13
CA MET B 269 -22.31 -8.61 12.14
C MET B 269 -20.83 -8.90 11.84
N ALA B 270 -20.38 -10.11 12.19
CA ALA B 270 -19.04 -10.56 11.88
C ALA B 270 -18.79 -10.49 10.36
N GLY B 271 -17.64 -9.91 10.00
CA GLY B 271 -17.26 -9.70 8.61
C GLY B 271 -17.83 -8.43 7.99
N ILE B 272 -18.71 -7.76 8.73
CA ILE B 272 -19.34 -6.51 8.27
C ILE B 272 -18.88 -5.37 9.16
N LEU B 273 -19.16 -5.45 10.44
CA LEU B 273 -18.75 -4.47 11.42
C LEU B 273 -17.65 -5.07 12.26
N ALA B 274 -16.51 -4.38 12.38
CA ALA B 274 -15.42 -4.82 13.22
C ALA B 274 -15.22 -3.79 14.33
N TYR B 275 -14.44 -4.17 15.34
CA TYR B 275 -14.20 -3.37 16.50
C TYR B 275 -12.71 -3.34 16.79
N THR B 276 -12.17 -2.18 17.17
CA THR B 276 -10.78 -2.08 17.55
C THR B 276 -10.60 -1.09 18.66
N GLU B 277 -9.61 -1.36 19.50
CA GLU B 277 -9.13 -0.44 20.49
C GLU B 277 -7.69 -0.01 20.24
N ASP B 278 -7.16 -0.31 19.06
CA ASP B 278 -5.79 0.08 18.69
C ASP B 278 -5.67 1.54 18.27
N GLU B 279 -4.44 2.06 18.33
CA GLU B 279 -4.13 3.45 18.00
C GLU B 279 -3.99 3.57 16.50
N VAL B 280 -5.09 3.37 15.79
CA VAL B 280 -5.08 3.24 14.33
C VAL B 280 -5.17 4.57 13.58
N VAL B 281 -4.71 4.56 12.33
CA VAL B 281 -4.86 5.70 11.43
C VAL B 281 -5.37 5.18 10.11
N SER B 282 -5.74 6.07 9.19
CA SER B 282 -6.45 5.63 8.00
C SER B 282 -5.70 4.54 7.22
N THR B 283 -4.40 4.67 7.03
CA THR B 283 -3.75 3.67 6.18
C THR B 283 -3.83 2.25 6.80
N ASP B 284 -4.11 2.14 8.08
CA ASP B 284 -4.21 0.82 8.67
C ASP B 284 -5.44 0.05 8.22
N PHE B 285 -6.30 0.67 7.39
CA PHE B 285 -7.49 0.04 6.87
C PHE B 285 -7.46 -0.11 5.36
N LEU B 286 -6.31 0.17 4.74
CA LEU B 286 -6.16 -0.12 3.35
C LEU B 286 -6.28 -1.62 3.11
N GLY B 287 -7.21 -2.00 2.25
CA GLY B 287 -7.46 -3.41 1.99
C GLY B 287 -8.38 -4.12 2.98
N ASP B 288 -8.81 -3.46 4.06
CA ASP B 288 -9.79 -4.04 4.97
C ASP B 288 -11.12 -4.35 4.25
N THR B 289 -11.67 -5.55 4.44
CA THR B 289 -12.89 -5.96 3.73
C THR B 289 -14.18 -5.71 4.56
N HIS B 290 -14.03 -5.15 5.74
CA HIS B 290 -15.22 -4.80 6.51
C HIS B 290 -15.90 -3.55 5.94
N SER B 291 -17.20 -3.44 6.19
CA SER B 291 -18.00 -2.26 5.80
C SER B 291 -17.75 -1.08 6.74
N SER B 292 -17.33 -1.40 7.96
CA SER B 292 -17.38 -0.49 9.07
C SER B 292 -16.46 -1.00 10.19
N ILE B 293 -15.50 -0.18 10.62
CA ILE B 293 -14.61 -0.55 11.73
C ILE B 293 -14.66 0.48 12.85
N PHE B 294 -15.27 0.07 13.96
CA PHE B 294 -15.48 0.97 15.06
C PHE B 294 -14.19 1.27 15.79
N ASP B 295 -13.87 2.55 15.94
CA ASP B 295 -12.66 3.03 16.58
C ASP B 295 -13.00 3.43 18.01
N ALA B 296 -12.78 2.54 18.97
CA ALA B 296 -13.23 2.77 20.34
C ALA B 296 -12.48 3.94 20.97
N LYS B 297 -11.16 4.02 20.79
CA LYS B 297 -10.42 5.06 21.47
C LYS B 297 -10.63 6.44 20.87
N ALA B 298 -11.14 6.52 19.65
CA ALA B 298 -11.28 7.84 19.00
C ALA B 298 -12.54 8.62 19.40
N GLY B 299 -13.60 7.89 19.78
CA GLY B 299 -14.88 8.51 20.09
C GLY B 299 -14.88 9.32 21.37
N ILE B 300 -15.81 10.26 21.49
CA ILE B 300 -15.89 11.03 22.71
C ILE B 300 -17.37 11.15 23.08
N ALA B 301 -17.59 11.21 24.38
CA ALA B 301 -18.94 11.45 24.93
C ALA B 301 -18.91 12.73 25.78
N LEU B 302 -19.93 13.54 25.60
CA LEU B 302 -20.18 14.69 26.49
C LEU B 302 -20.87 14.19 27.77
N ASN B 303 -21.81 13.27 27.59
CA ASN B 303 -22.50 12.68 28.72
C ASN B 303 -23.14 11.38 28.25
N ASP B 304 -23.89 10.72 29.12
CA ASP B 304 -24.43 9.40 28.81
C ASP B 304 -25.47 9.37 27.69
N ASN B 305 -25.87 10.54 27.20
CA ASN B 305 -26.86 10.62 26.14
C ASN B 305 -26.45 11.36 24.85
N PHE B 306 -25.24 11.90 24.83
CA PHE B 306 -24.76 12.67 23.70
C PHE B 306 -23.31 12.31 23.40
N VAL B 307 -23.11 11.69 22.24
CA VAL B 307 -21.85 11.03 21.95
C VAL B 307 -21.44 11.23 20.48
N LYS B 308 -20.13 11.16 20.26
CA LYS B 308 -19.51 11.13 18.92
C LYS B 308 -18.83 9.79 18.64
N LEU B 309 -19.35 9.05 17.67
CA LEU B 309 -18.82 7.73 17.38
C LEU B 309 -18.05 7.72 16.09
N ILE B 310 -16.94 7.00 16.09
CA ILE B 310 -15.99 7.05 14.93
C ILE B 310 -15.86 5.67 14.31
N SER B 311 -16.12 5.60 13.02
CA SER B 311 -15.92 4.34 12.29
C SER B 311 -15.26 4.47 10.91
N TRP B 312 -14.23 3.65 10.72
CA TRP B 312 -13.44 3.65 9.47
C TRP B 312 -14.05 2.76 8.38
N TYR B 313 -13.72 3.06 7.13
CA TYR B 313 -14.02 2.18 6.00
C TYR B 313 -13.05 2.37 4.85
N ASP B 314 -12.63 1.26 4.25
CA ASP B 314 -11.91 1.37 3.01
C ASP B 314 -13.02 1.60 1.99
N ASN B 315 -13.20 2.84 1.58
CA ASN B 315 -14.32 3.18 0.72
C ASN B 315 -14.30 2.48 -0.61
N GLU B 316 -13.11 2.10 -1.08
CA GLU B 316 -13.04 1.22 -2.27
C GLU B 316 -13.19 -0.27 -1.95
N TYR B 317 -12.46 -0.77 -0.95
CA TYR B 317 -12.32 -2.23 -0.83
C TYR B 317 -13.50 -2.87 -0.09
N GLY B 318 -13.93 -2.23 1.00
CA GLY B 318 -15.09 -2.69 1.75
C GLY B 318 -16.31 -2.82 0.86
N TYR B 319 -16.60 -1.75 0.12
CA TYR B 319 -17.80 -1.71 -0.70
C TYR B 319 -17.78 -2.75 -1.84
N SER B 320 -16.61 -2.95 -2.47
CA SER B 320 -16.47 -3.91 -3.55
C SER B 320 -16.76 -5.29 -3.07
N HIS B 321 -16.26 -5.60 -1.89
CA HIS B 321 -16.54 -6.91 -1.32
C HIS B 321 -18.02 -7.04 -1.02
N ARG B 322 -18.64 -5.99 -0.47
CA ARG B 322 -20.07 -6.06 -0.18
C ARG B 322 -20.91 -6.28 -1.43
N VAL B 323 -20.48 -5.74 -2.58
CA VAL B 323 -21.20 -6.02 -3.83
C VAL B 323 -21.16 -7.55 -4.13
N VAL B 324 -19.99 -8.16 -3.97
CA VAL B 324 -19.89 -9.59 -4.24
C VAL B 324 -20.76 -10.33 -3.20
N ASP B 325 -20.70 -9.91 -1.94
CA ASP B 325 -21.52 -10.51 -0.90
C ASP B 325 -23.01 -10.45 -1.21
N LEU B 326 -23.44 -9.33 -1.81
CA LEU B 326 -24.85 -9.17 -2.12
C LEU B 326 -25.22 -10.16 -3.21
N LEU B 327 -24.38 -10.25 -4.23
CA LEU B 327 -24.61 -11.13 -5.36
C LEU B 327 -24.76 -12.56 -4.86
N ARG B 328 -23.77 -13.00 -4.07
CA ARG B 328 -23.81 -14.35 -3.52
C ARG B 328 -25.09 -14.57 -2.73
N TYR B 329 -25.45 -13.59 -1.90
CA TYR B 329 -26.64 -13.73 -1.09
C TYR B 329 -27.88 -13.84 -1.95
N MET B 330 -27.97 -12.96 -2.95
CA MET B 330 -29.13 -12.97 -3.83
C MET B 330 -29.24 -14.31 -4.51
N PHE B 331 -28.10 -14.85 -4.97
CA PHE B 331 -28.14 -16.12 -5.71
C PHE B 331 -28.66 -17.25 -4.85
N SER B 332 -28.37 -17.19 -3.55
CA SER B 332 -28.79 -18.21 -2.62
C SER B 332 -30.29 -18.12 -2.28
N ARG B 333 -30.97 -17.14 -2.85
CA ARG B 333 -32.38 -16.87 -2.56
C ARG B 333 -33.22 -16.94 -3.83
N ASP B 334 -32.55 -16.87 -4.98
CA ASP B 334 -33.23 -16.82 -6.27
C ASP B 334 -33.52 -18.23 -6.77
N ALA B 335 -32.90 -19.21 -6.12
CA ALA B 335 -33.16 -20.62 -6.38
C ALA B 335 -34.24 -21.13 -5.41
N GLU B 336 -35.48 -20.68 -5.63
CA GLU B 336 -36.59 -21.01 -4.75
C GLU B 336 -37.83 -21.44 -5.54
#